data_8BLU
#
_entry.id   8BLU
#
_cell.length_a   79.603
_cell.length_b   49.588
_cell.length_c   118.194
_cell.angle_alpha   90.000
_cell.angle_beta   93.928
_cell.angle_gamma   90.000
#
_symmetry.space_group_name_H-M   'P 1 21 1'
#
loop_
_entity.id
_entity.type
_entity.pdbx_description
1 polymer Syntenin-1
2 non-polymer 1,2-ETHANEDIOL
3 non-polymer 'SULFATE ION'
4 non-polymer GLYCEROL
5 non-polymer 'D-GLUTAMIC ACID'
6 non-polymer '2-(N-MORPHOLINO)-ETHANESULFONIC ACID'
7 non-polymer GLYCINE
8 non-polymer ALANINE
9 water water
#
_entity_poly.entity_id   1
_entity_poly.type   'polypeptide(L)'
_entity_poly.pdbx_seq_one_letter_code
;SMAEIKQGIREVILCKDQDGKIGLRLKSIDNGIFVQLVQANSPASLVGLRFGDQVLQINGENCAGWSSDKAHKVLKQAFG
EKITMTIRDRPFERTITMHKDSTGHVGFIFKNGKITSIVKDSSAARNGLLTEHNICEINGQNVIGLKDSQIADILSTSGT
VVTITIMPAFIFEHIIKRMAPSIMKSLMDHTIPEV
;
_entity_poly.pdbx_strand_id   A,B,C,D
#
loop_
_chem_comp.id
_chem_comp.type
_chem_comp.name
_chem_comp.formula
EDO non-polymer 1,2-ETHANEDIOL 'C2 H6 O2'
GOL non-polymer GLYCEROL 'C3 H8 O3'
MES non-polymer '2-(N-MORPHOLINO)-ETHANESULFONIC ACID' 'C6 H13 N O4 S'
SO4 non-polymer 'SULFATE ION' 'O4 S -2'
#
# COMPACT_ATOMS: atom_id res chain seq x y z
N ALA A 3 31.28 0.68 7.66
CA ALA A 3 30.94 0.53 6.22
C ALA A 3 30.43 -0.88 5.92
N GLU A 4 31.12 -1.94 6.38
CA GLU A 4 30.73 -3.28 5.95
C GLU A 4 29.42 -3.66 6.64
N ILE A 5 28.59 -4.37 5.87
CA ILE A 5 27.19 -4.61 6.23
C ILE A 5 27.16 -5.72 7.28
N LYS A 6 26.59 -5.45 8.46
CA LYS A 6 26.47 -6.43 9.54
C LYS A 6 25.29 -7.36 9.26
N GLN A 7 25.50 -8.66 9.50
CA GLN A 7 24.44 -9.65 9.40
C GLN A 7 23.59 -9.65 10.67
N GLY A 8 22.37 -10.16 10.52
CA GLY A 8 21.45 -10.24 11.63
C GLY A 8 20.95 -8.85 12.05
N ILE A 9 20.57 -8.82 13.32
CA ILE A 9 19.67 -7.83 13.86
C ILE A 9 20.37 -7.31 15.10
N ARG A 10 20.22 -6.01 15.36
CA ARG A 10 20.77 -5.41 16.56
C ARG A 10 19.72 -4.53 17.21
N GLU A 11 19.87 -4.32 18.52
CA GLU A 11 18.98 -3.45 19.25
C GLU A 11 19.69 -2.11 19.46
N VAL A 12 18.96 -0.99 19.23
CA VAL A 12 19.48 0.32 19.60
C VAL A 12 18.49 0.92 20.61
N ILE A 13 19.05 1.76 21.49
CA ILE A 13 18.25 2.44 22.49
C ILE A 13 18.50 3.94 22.34
N LEU A 14 17.41 4.72 22.14
CA LEU A 14 17.50 6.16 21.89
C LEU A 14 16.72 6.90 22.96
N CYS A 15 17.14 8.16 23.13
CA CYS A 15 16.45 9.13 23.97
C CYS A 15 16.21 10.39 23.13
N LYS A 16 14.96 10.89 23.12
CA LYS A 16 14.65 12.17 22.46
C LYS A 16 15.54 13.27 23.03
N ASP A 17 15.92 14.21 22.17
CA ASP A 17 16.74 15.35 22.58
C ASP A 17 15.83 16.33 23.30
N GLN A 18 16.41 17.49 23.65
CA GLN A 18 15.76 18.49 24.47
C GLN A 18 14.59 19.12 23.71
N ASP A 19 14.58 19.01 22.36
CA ASP A 19 13.50 19.53 21.54
C ASP A 19 12.47 18.44 21.22
N GLY A 20 12.58 17.25 21.82
CA GLY A 20 11.62 16.20 21.61
C GLY A 20 11.90 15.40 20.32
N LYS A 21 13.10 15.54 19.73
CA LYS A 21 13.41 14.99 18.42
C LYS A 21 14.39 13.83 18.52
N ILE A 22 14.29 12.89 17.55
CA ILE A 22 15.29 11.85 17.43
C ILE A 22 16.15 12.00 16.18
N GLY A 23 15.71 12.77 15.18
CA GLY A 23 16.43 13.04 13.96
C GLY A 23 16.24 11.98 12.87
N LEU A 24 15.04 11.47 12.71
CA LEU A 24 14.79 10.34 11.80
C LEU A 24 13.57 10.63 10.91
N ARG A 25 13.68 10.30 9.61
CA ARG A 25 12.53 10.11 8.77
C ARG A 25 12.55 8.67 8.24
N LEU A 26 11.39 8.06 8.22
CA LEU A 26 11.18 6.65 7.90
C LEU A 26 10.34 6.55 6.64
N LYS A 27 10.47 5.39 5.96
CA LYS A 27 9.81 5.18 4.68
C LYS A 27 9.34 3.73 4.59
N SER A 28 8.05 3.52 4.25
CA SER A 28 7.53 2.20 3.95
CA SER A 28 7.53 2.20 3.96
C SER A 28 8.03 1.72 2.60
N ILE A 29 8.66 0.53 2.59
CA ILE A 29 9.17 -0.12 1.38
C ILE A 29 8.86 -1.61 1.49
N ASP A 30 8.08 -2.16 0.55
CA ASP A 30 7.90 -3.62 0.45
C ASP A 30 7.39 -4.22 1.77
N ASN A 31 6.55 -3.46 2.47
CA ASN A 31 5.92 -3.87 3.74
C ASN A 31 6.87 -3.92 4.93
N GLY A 32 8.02 -3.24 4.79
CA GLY A 32 8.90 -2.95 5.89
C GLY A 32 9.01 -1.44 6.07
N ILE A 33 9.81 -1.07 7.04
CA ILE A 33 10.10 0.33 7.35
C ILE A 33 11.61 0.55 7.30
N PHE A 34 12.02 1.55 6.53
CA PHE A 34 13.43 1.85 6.31
C PHE A 34 13.75 3.30 6.69
N VAL A 35 15.03 3.50 7.01
CA VAL A 35 15.51 4.86 7.30
C VAL A 35 15.74 5.63 6.00
N GLN A 36 15.04 6.76 5.83
CA GLN A 36 15.19 7.62 4.68
C GLN A 36 16.14 8.80 4.94
N LEU A 37 16.15 9.26 6.18
CA LEU A 37 17.01 10.38 6.56
C LEU A 37 17.38 10.31 8.03
N VAL A 38 18.69 10.48 8.29
CA VAL A 38 19.27 10.61 9.61
C VAL A 38 19.87 12.00 9.72
N GLN A 39 19.45 12.77 10.74
CA GLN A 39 19.95 14.15 10.94
C GLN A 39 21.31 14.14 11.63
N ALA A 40 22.21 15.05 11.24
CA ALA A 40 23.49 15.22 11.94
C ALA A 40 23.23 15.64 13.39
N ASN A 41 24.07 15.14 14.31
CA ASN A 41 24.06 15.57 15.72
C ASN A 41 22.73 15.26 16.37
N SER A 42 22.13 14.11 16.00
CA SER A 42 20.84 13.75 16.53
C SER A 42 20.98 12.50 17.38
N PRO A 43 20.00 12.17 18.21
CA PRO A 43 20.00 10.88 18.89
C PRO A 43 20.17 9.70 17.93
N ALA A 44 19.51 9.76 16.77
CA ALA A 44 19.62 8.70 15.76
C ALA A 44 21.04 8.60 15.21
N SER A 45 21.67 9.72 14.86
CA SER A 45 23.02 9.66 14.32
C SER A 45 23.98 9.10 15.37
N LEU A 46 23.81 9.54 16.61
CA LEU A 46 24.74 9.19 17.66
C LEU A 46 24.66 7.69 18.01
N VAL A 47 23.47 7.05 17.95
CA VAL A 47 23.38 5.61 18.20
C VAL A 47 23.78 4.77 16.97
N GLY A 48 24.05 5.40 15.82
CA GLY A 48 24.61 4.70 14.67
C GLY A 48 23.59 4.26 13.63
N LEU A 49 22.37 4.82 13.64
CA LEU A 49 21.43 4.54 12.55
C LEU A 49 21.94 5.13 11.25
N ARG A 50 21.66 4.41 10.14
CA ARG A 50 22.16 4.79 8.85
C ARG A 50 21.02 4.80 7.86
N PHE A 51 21.22 5.61 6.81
CA PHE A 51 20.36 5.57 5.67
C PHE A 51 20.22 4.12 5.19
N GLY A 52 18.96 3.70 4.94
CA GLY A 52 18.73 2.36 4.40
C GLY A 52 18.62 1.25 5.45
N ASP A 53 18.87 1.52 6.75
CA ASP A 53 18.61 0.56 7.80
C ASP A 53 17.12 0.22 7.85
N GLN A 54 16.83 -1.05 8.14
CA GLN A 54 15.45 -1.50 8.30
C GLN A 54 15.09 -1.54 9.79
N VAL A 55 13.94 -0.96 10.13
CA VAL A 55 13.40 -0.98 11.48
C VAL A 55 12.38 -2.12 11.59
N LEU A 56 12.74 -3.15 12.35
CA LEU A 56 11.89 -4.34 12.50
C LEU A 56 10.87 -4.12 13.62
N GLN A 57 11.30 -3.48 14.71
CA GLN A 57 10.45 -3.19 15.84
C GLN A 57 10.74 -1.79 16.36
N ILE A 58 9.69 -1.14 16.87
CA ILE A 58 9.84 0.02 17.76
C ILE A 58 9.15 -0.29 19.10
N ASN A 59 9.92 -0.20 20.19
CA ASN A 59 9.43 -0.54 21.53
C ASN A 59 8.79 -1.93 21.56
N GLY A 60 9.42 -2.88 20.85
CA GLY A 60 8.97 -4.28 20.84
C GLY A 60 7.75 -4.54 19.97
N GLU A 61 7.25 -3.54 19.22
CA GLU A 61 6.13 -3.71 18.34
C GLU A 61 6.64 -3.87 16.90
N ASN A 62 6.12 -4.85 16.18
CA ASN A 62 6.53 -5.10 14.80
C ASN A 62 6.11 -3.96 13.87
N CYS A 63 7.03 -3.49 13.02
CA CYS A 63 6.74 -2.46 12.04
C CYS A 63 6.15 -3.00 10.75
N ALA A 64 6.09 -4.33 10.56
CA ALA A 64 5.64 -4.89 9.30
C ALA A 64 4.29 -4.32 8.88
N GLY A 65 4.25 -3.81 7.66
CA GLY A 65 3.05 -3.30 7.01
C GLY A 65 2.64 -1.91 7.51
N TRP A 66 3.42 -1.28 8.38
CA TRP A 66 3.18 0.11 8.79
C TRP A 66 3.36 1.05 7.61
N SER A 67 2.48 2.05 7.53
CA SER A 67 2.72 3.22 6.70
C SER A 67 3.85 4.06 7.30
N SER A 68 4.46 4.90 6.44
CA SER A 68 5.42 5.89 6.90
C SER A 68 4.79 6.80 7.98
N ASP A 69 3.56 7.22 7.76
CA ASP A 69 2.86 8.07 8.74
C ASP A 69 2.70 7.39 10.10
N LYS A 70 2.33 6.09 10.07
CA LYS A 70 2.20 5.36 11.31
C LYS A 70 3.52 5.26 12.05
N ALA A 71 4.62 4.95 11.33
CA ALA A 71 5.88 4.85 12.03
C ALA A 71 6.25 6.17 12.72
N HIS A 72 6.08 7.29 12.01
CA HIS A 72 6.37 8.61 12.57
C HIS A 72 5.52 8.92 13.81
N LYS A 73 4.23 8.55 13.74
CA LYS A 73 3.30 8.77 14.84
C LYS A 73 3.72 7.96 16.06
N VAL A 74 4.12 6.70 15.84
CA VAL A 74 4.55 5.87 16.95
C VAL A 74 5.75 6.50 17.64
N LEU A 75 6.71 7.02 16.86
CA LEU A 75 7.89 7.63 17.47
C LEU A 75 7.49 8.89 18.25
N LYS A 76 6.64 9.71 17.63
CA LYS A 76 6.20 10.95 18.23
C LYS A 76 5.53 10.67 19.58
N GLN A 77 4.71 9.61 19.65
CA GLN A 77 3.91 9.30 20.84
C GLN A 77 4.66 8.45 21.88
N ALA A 78 5.89 8.01 21.58
CA ALA A 78 6.63 7.18 22.52
C ALA A 78 7.17 8.06 23.66
N PHE A 79 7.00 7.59 24.91
CA PHE A 79 7.82 7.99 26.06
C PHE A 79 9.29 8.21 25.66
N GLY A 80 9.81 9.41 25.95
CA GLY A 80 10.96 9.87 25.20
C GLY A 80 12.29 9.39 25.79
N GLU A 81 12.22 8.92 27.03
CA GLU A 81 13.41 8.66 27.83
C GLU A 81 14.10 7.39 27.34
N LYS A 82 13.33 6.40 26.89
CA LYS A 82 13.93 5.22 26.31
C LYS A 82 13.04 4.74 25.17
N ILE A 83 13.57 4.79 23.94
CA ILE A 83 12.94 4.16 22.80
C ILE A 83 13.87 3.04 22.35
N THR A 84 13.32 1.82 22.25
CA THR A 84 14.11 0.71 21.73
C THR A 84 13.69 0.49 20.27
N MET A 85 14.68 0.19 19.43
CA MET A 85 14.39 -0.25 18.09
C MET A 85 15.23 -1.49 17.79
N THR A 86 14.63 -2.41 17.04
CA THR A 86 15.37 -3.52 16.47
C THR A 86 15.63 -3.22 15.00
N ILE A 87 16.87 -3.36 14.58
CA ILE A 87 17.38 -2.88 13.31
C ILE A 87 18.04 -4.02 12.55
N ARG A 88 17.81 -4.06 11.23
CA ARG A 88 18.64 -4.84 10.33
CA ARG A 88 18.63 -4.85 10.32
C ARG A 88 19.48 -3.88 9.52
N ASP A 89 20.80 -4.16 9.44
CA ASP A 89 21.73 -3.22 8.85
C ASP A 89 21.62 -3.16 7.33
N ARG A 90 21.32 -1.96 6.81
CA ARG A 90 21.37 -1.61 5.41
C ARG A 90 21.10 -2.79 4.49
N PRO A 91 19.91 -3.41 4.54
CA PRO A 91 19.75 -4.67 3.80
C PRO A 91 19.66 -4.58 2.29
N PHE A 92 19.41 -3.38 1.73
CA PHE A 92 19.40 -3.24 0.29
C PHE A 92 20.76 -2.87 -0.29
N GLU A 93 21.75 -2.71 0.57
CA GLU A 93 23.04 -2.23 0.13
C GLU A 93 24.09 -3.33 0.23
N ARG A 94 25.20 -3.06 -0.48
CA ARG A 94 26.38 -3.90 -0.38
C ARG A 94 27.61 -3.00 -0.36
N THR A 95 28.66 -3.54 0.26
CA THR A 95 29.93 -2.85 0.31
C THR A 95 30.94 -3.55 -0.60
N ILE A 96 31.66 -2.75 -1.38
CA ILE A 96 32.68 -3.22 -2.32
C ILE A 96 33.99 -2.53 -1.91
N THR A 97 35.06 -3.33 -1.74
CA THR A 97 36.37 -2.80 -1.36
C THR A 97 37.27 -2.83 -2.57
N MET A 98 37.81 -1.67 -2.91
CA MET A 98 38.70 -1.46 -4.04
C MET A 98 40.03 -0.87 -3.55
N HIS A 99 41.02 -0.89 -4.44
CA HIS A 99 42.36 -0.38 -4.15
C HIS A 99 42.73 0.58 -5.25
N LYS A 100 43.13 1.82 -4.88
CA LYS A 100 43.48 2.80 -5.89
C LYS A 100 44.75 2.34 -6.60
N ASP A 101 44.79 2.63 -7.89
CA ASP A 101 45.95 2.34 -8.72
C ASP A 101 47.00 3.42 -8.47
N SER A 102 48.11 3.36 -9.22
CA SER A 102 49.27 4.22 -9.00
C SER A 102 48.91 5.68 -9.26
N THR A 103 47.85 5.95 -10.03
CA THR A 103 47.46 7.33 -10.28
C THR A 103 46.18 7.74 -9.53
N GLY A 104 45.83 6.98 -8.49
CA GLY A 104 44.78 7.37 -7.56
C GLY A 104 43.37 6.95 -7.96
N HIS A 105 43.21 6.06 -8.95
CA HIS A 105 41.91 5.74 -9.49
C HIS A 105 41.44 4.37 -9.02
N VAL A 106 40.13 4.26 -8.70
CA VAL A 106 39.54 2.95 -8.42
C VAL A 106 38.90 2.36 -9.67
N GLY A 107 38.39 3.14 -10.61
CA GLY A 107 38.04 2.66 -11.94
C GLY A 107 36.55 2.75 -12.35
N PHE A 108 35.92 3.90 -12.12
CA PHE A 108 34.55 4.07 -12.57
C PHE A 108 34.21 5.51 -12.87
N ILE A 109 33.12 5.68 -13.61
CA ILE A 109 32.51 6.97 -13.87
C ILE A 109 31.15 6.99 -13.19
N PHE A 110 30.80 8.16 -12.61
CA PHE A 110 29.49 8.32 -11.99
C PHE A 110 28.93 9.69 -12.35
N LYS A 111 27.60 9.79 -12.23
CA LYS A 111 26.91 11.04 -12.53
C LYS A 111 25.73 11.16 -11.57
N ASN A 112 25.62 12.29 -10.87
CA ASN A 112 24.53 12.49 -9.92
C ASN A 112 24.52 11.35 -8.89
N GLY A 113 25.73 10.94 -8.47
CA GLY A 113 25.92 9.94 -7.45
C GLY A 113 25.64 8.49 -7.91
N LYS A 114 25.31 8.32 -9.18
CA LYS A 114 25.02 6.99 -9.73
C LYS A 114 26.16 6.52 -10.61
N ILE A 115 26.64 5.29 -10.39
CA ILE A 115 27.69 4.70 -11.19
C ILE A 115 27.19 4.38 -12.58
N THR A 116 27.89 4.85 -13.63
CA THR A 116 27.41 4.73 -15.01
C THR A 116 28.34 3.89 -15.88
N SER A 117 29.62 3.71 -15.53
CA SER A 117 30.48 2.78 -16.28
C SER A 117 31.65 2.37 -15.41
N ILE A 118 32.18 1.19 -15.75
CA ILE A 118 33.27 0.55 -15.06
C ILE A 118 34.44 0.51 -16.05
N VAL A 119 35.59 0.98 -15.60
CA VAL A 119 36.75 1.11 -16.47
C VAL A 119 37.45 -0.23 -16.52
N LYS A 120 37.85 -0.58 -17.75
CA LYS A 120 38.57 -1.83 -18.02
C LYS A 120 39.85 -1.92 -17.20
N ASP A 121 40.09 -3.10 -16.61
CA ASP A 121 41.36 -3.44 -15.97
C ASP A 121 41.60 -2.63 -14.70
N SER A 122 40.51 -2.13 -14.08
CA SER A 122 40.58 -1.38 -12.84
C SER A 122 40.27 -2.25 -11.64
N SER A 123 40.47 -1.71 -10.45
CA SER A 123 40.07 -2.38 -9.21
C SER A 123 38.54 -2.53 -9.19
N ALA A 124 37.82 -1.51 -9.72
CA ALA A 124 36.35 -1.59 -9.77
C ALA A 124 35.94 -2.78 -10.64
N ALA A 125 36.59 -2.96 -11.80
CA ALA A 125 36.33 -4.13 -12.64
C ALA A 125 36.65 -5.43 -11.91
N ARG A 126 37.83 -5.52 -11.28
CA ARG A 126 38.26 -6.74 -10.63
C ARG A 126 37.29 -7.13 -9.51
N ASN A 127 36.71 -6.13 -8.83
CA ASN A 127 35.87 -6.35 -7.66
C ASN A 127 34.38 -6.40 -8.04
N GLY A 128 34.04 -6.25 -9.33
CA GLY A 128 32.68 -6.44 -9.81
C GLY A 128 31.74 -5.33 -9.39
N LEU A 129 32.26 -4.07 -9.36
CA LEU A 129 31.36 -2.94 -9.17
C LEU A 129 30.35 -2.88 -10.28
N LEU A 130 29.09 -2.52 -9.93
CA LEU A 130 28.01 -2.48 -10.88
C LEU A 130 27.59 -1.05 -11.18
N THR A 131 27.06 -0.89 -12.38
CA THR A 131 26.39 0.34 -12.82
C THR A 131 24.94 0.36 -12.38
N GLU A 132 24.29 1.51 -12.59
CA GLU A 132 22.90 1.67 -12.18
C GLU A 132 22.76 1.45 -10.67
N HIS A 133 23.77 1.88 -9.94
CA HIS A 133 23.81 1.76 -8.48
C HIS A 133 24.21 3.15 -7.94
N ASN A 134 23.47 3.60 -6.93
CA ASN A 134 23.72 4.85 -6.24
C ASN A 134 24.73 4.65 -5.13
N ILE A 135 25.67 5.60 -5.05
CA ILE A 135 26.67 5.60 -4.01
C ILE A 135 26.06 6.17 -2.72
N CYS A 136 26.01 5.34 -1.69
CA CYS A 136 25.40 5.71 -0.41
C CYS A 136 26.46 6.16 0.59
N GLU A 137 27.57 5.41 0.67
CA GLU A 137 28.62 5.71 1.62
C GLU A 137 30.00 5.47 0.99
N ILE A 138 31.00 6.24 1.45
CA ILE A 138 32.40 5.97 1.15
C ILE A 138 33.14 5.85 2.48
N ASN A 139 33.76 4.70 2.74
CA ASN A 139 34.48 4.42 3.96
C ASN A 139 33.61 4.75 5.17
N GLY A 140 32.32 4.38 5.08
CA GLY A 140 31.38 4.52 6.17
C GLY A 140 30.83 5.93 6.39
N GLN A 141 31.19 6.86 5.52
CA GLN A 141 30.64 8.20 5.52
C GLN A 141 29.52 8.31 4.50
N ASN A 142 28.33 8.71 4.95
CA ASN A 142 27.23 8.99 4.04
C ASN A 142 27.54 10.15 3.11
N VAL A 143 27.33 9.97 1.79
CA VAL A 143 27.59 10.98 0.78
C VAL A 143 26.34 11.34 -0.01
N ILE A 144 25.15 10.96 0.50
CA ILE A 144 23.93 11.17 -0.26
C ILE A 144 23.56 12.65 -0.25
N GLY A 145 23.34 13.21 -1.44
CA GLY A 145 22.96 14.61 -1.56
C GLY A 145 24.17 15.52 -1.79
N LEU A 146 25.39 14.98 -1.61
CA LEU A 146 26.61 15.75 -1.88
C LEU A 146 26.78 15.88 -3.39
N LYS A 147 27.49 16.96 -3.80
CA LYS A 147 27.77 17.18 -5.20
C LYS A 147 28.72 16.08 -5.71
N ASP A 148 28.67 15.85 -7.03
CA ASP A 148 29.63 14.94 -7.63
C ASP A 148 31.07 15.36 -7.30
N SER A 149 31.36 16.68 -7.31
CA SER A 149 32.73 17.11 -7.04
C SER A 149 33.16 16.77 -5.62
N GLN A 150 32.20 16.81 -4.69
CA GLN A 150 32.47 16.48 -3.30
C GLN A 150 32.74 15.00 -3.10
N ILE A 151 31.96 14.17 -3.82
CA ILE A 151 32.20 12.73 -3.80
C ILE A 151 33.61 12.43 -4.34
N ALA A 152 33.95 13.05 -5.48
CA ALA A 152 35.29 12.87 -6.03
C ALA A 152 36.40 13.26 -5.03
N ASP A 153 36.18 14.36 -4.29
CA ASP A 153 37.14 14.83 -3.30
C ASP A 153 37.30 13.81 -2.18
N ILE A 154 36.20 13.22 -1.70
CA ILE A 154 36.24 12.22 -0.65
C ILE A 154 37.02 10.99 -1.13
N LEU A 155 36.79 10.58 -2.39
CA LEU A 155 37.56 9.46 -2.93
C LEU A 155 39.06 9.81 -2.93
N SER A 156 39.38 11.04 -3.34
CA SER A 156 40.76 11.55 -3.37
C SER A 156 41.44 11.46 -2.00
N THR A 157 40.74 11.80 -0.91
CA THR A 157 41.34 11.88 0.42
C THR A 157 41.25 10.54 1.16
N SER A 158 40.60 9.53 0.58
CA SER A 158 40.72 8.21 1.16
C SER A 158 42.19 7.75 1.06
N GLY A 159 42.57 6.86 1.96
CA GLY A 159 43.73 6.02 1.72
C GLY A 159 43.52 5.13 0.50
N THR A 160 44.50 4.29 0.18
CA THR A 160 44.44 3.57 -1.08
C THR A 160 43.32 2.52 -1.06
N VAL A 161 42.96 1.99 0.11
CA VAL A 161 41.81 1.11 0.28
C VAL A 161 40.52 1.93 0.41
N VAL A 162 39.63 1.76 -0.57
CA VAL A 162 38.41 2.53 -0.67
C VAL A 162 37.23 1.57 -0.59
N THR A 163 36.37 1.74 0.42
CA THR A 163 35.18 0.92 0.55
C THR A 163 33.98 1.76 0.16
N ILE A 164 33.16 1.26 -0.78
CA ILE A 164 31.99 2.01 -1.23
CA ILE A 164 31.99 2.00 -1.23
C ILE A 164 30.75 1.15 -0.96
N THR A 165 29.71 1.80 -0.39
CA THR A 165 28.45 1.15 -0.09
C THR A 165 27.48 1.64 -1.15
N ILE A 166 26.89 0.68 -1.89
CA ILE A 166 26.05 0.98 -3.04
C ILE A 166 24.66 0.37 -2.86
N MET A 167 23.70 0.94 -3.60
CA MET A 167 22.32 0.48 -3.59
C MET A 167 21.81 0.48 -5.02
N PRO A 168 21.09 -0.58 -5.47
CA PRO A 168 20.45 -0.51 -6.79
C PRO A 168 19.62 0.77 -6.93
N ALA A 169 19.77 1.43 -8.07
CA ALA A 169 19.19 2.75 -8.29
C ALA A 169 17.66 2.74 -8.10
N PHE A 170 16.97 1.69 -8.50
CA PHE A 170 15.51 1.65 -8.43
CA PHE A 170 15.52 1.66 -8.43
C PHE A 170 15.06 1.65 -6.98
N ILE A 171 15.82 0.97 -6.10
CA ILE A 171 15.48 0.97 -4.69
C ILE A 171 15.80 2.34 -4.09
N PHE A 172 16.97 2.88 -4.44
CA PHE A 172 17.37 4.20 -3.95
C PHE A 172 16.30 5.24 -4.31
N GLU A 173 15.85 5.25 -5.55
CA GLU A 173 14.87 6.23 -6.00
C GLU A 173 13.54 6.05 -5.28
N HIS A 174 13.20 4.81 -4.89
CA HIS A 174 12.00 4.54 -4.09
C HIS A 174 12.14 5.14 -2.69
N ILE A 175 13.30 4.95 -2.07
CA ILE A 175 13.50 5.41 -0.71
C ILE A 175 13.44 6.94 -0.66
N ILE A 176 14.06 7.62 -1.64
CA ILE A 176 14.23 9.06 -1.47
C ILE A 176 13.00 9.81 -2.00
N LYS A 177 11.99 9.11 -2.54
CA LYS A 177 10.76 9.72 -3.03
C LYS A 177 10.07 10.52 -1.91
N ARG A 178 9.53 11.70 -2.25
CA ARG A 178 8.86 12.59 -1.31
C ARG A 178 9.84 13.24 -0.33
N MET A 179 11.13 13.34 -0.69
CA MET A 179 12.09 14.08 0.11
C MET A 179 12.83 15.09 -0.78
N ALA A 180 12.84 16.35 -0.32
CA ALA A 180 13.41 17.45 -1.09
C ALA A 180 14.92 17.32 -1.20
N PRO A 181 15.51 17.49 -2.41
CA PRO A 181 16.97 17.48 -2.56
C PRO A 181 17.74 18.37 -1.57
N SER A 182 17.17 19.56 -1.24
CA SER A 182 17.81 20.46 -0.30
C SER A 182 17.97 19.82 1.07
N ILE A 183 16.95 19.04 1.50
CA ILE A 183 16.98 18.31 2.76
C ILE A 183 18.10 17.26 2.73
N MET A 184 18.22 16.48 1.65
CA MET A 184 19.25 15.43 1.63
C MET A 184 20.64 16.07 1.75
N LYS A 185 20.85 17.15 1.01
CA LYS A 185 22.12 17.84 0.97
C LYS A 185 22.45 18.47 2.34
N SER A 186 21.47 19.17 2.89
CA SER A 186 21.75 20.05 4.03
C SER A 186 21.62 19.29 5.33
N LEU A 187 20.67 18.34 5.44
CA LEU A 187 20.28 17.79 6.73
C LEU A 187 20.69 16.31 6.91
N MET A 188 20.93 15.54 5.85
CA MET A 188 21.46 14.17 6.04
C MET A 188 22.84 14.25 6.69
N ASP A 189 23.06 13.43 7.74
CA ASP A 189 24.35 13.27 8.38
C ASP A 189 25.39 12.76 7.36
N HIS A 190 26.53 13.47 7.27
CA HIS A 190 27.64 13.12 6.41
C HIS A 190 28.95 12.98 7.19
N THR A 191 28.85 12.74 8.50
CA THR A 191 30.04 12.72 9.32
C THR A 191 30.61 11.31 9.34
N ILE A 192 31.90 11.22 9.70
CA ILE A 192 32.52 10.02 10.25
C ILE A 192 32.04 9.79 11.68
N PRO A 193 31.67 8.56 12.10
CA PRO A 193 31.25 8.32 13.48
C PRO A 193 32.29 8.64 14.55
N GLU A 194 31.82 9.19 15.69
CA GLU A 194 32.69 9.43 16.84
C GLU A 194 33.06 8.11 17.52
N VAL A 195 34.17 8.10 18.25
CA VAL A 195 34.52 7.05 19.22
C VAL A 195 34.72 7.58 20.65
N SER B 1 -18.10 31.37 22.63
CA SER B 1 -18.01 30.20 21.71
C SER B 1 -16.60 29.63 21.73
N MET B 2 -16.49 28.38 21.27
CA MET B 2 -15.22 27.67 21.10
C MET B 2 -14.43 28.30 19.94
N ALA B 3 -15.14 29.04 19.03
CA ALA B 3 -14.73 29.84 17.88
C ALA B 3 -14.17 31.25 18.18
N GLU B 4 -14.24 31.70 19.44
CA GLU B 4 -13.77 33.04 19.77
C GLU B 4 -12.29 33.15 19.45
N ILE B 5 -11.93 34.37 19.07
CA ILE B 5 -10.57 34.70 18.65
C ILE B 5 -9.69 34.79 19.92
N LYS B 6 -8.62 34.00 19.98
CA LYS B 6 -7.73 34.04 21.14
C LYS B 6 -6.73 35.16 20.98
N GLN B 7 -6.48 35.85 22.10
CA GLN B 7 -5.45 36.88 22.21
C GLN B 7 -4.07 36.23 22.37
N GLY B 8 -3.04 37.00 22.07
CA GLY B 8 -1.71 36.50 22.32
C GLY B 8 -1.22 35.62 21.17
N ILE B 9 -0.17 34.90 21.48
CA ILE B 9 0.59 34.13 20.51
C ILE B 9 0.63 32.72 21.06
N ARG B 10 0.59 31.68 20.19
CA ARG B 10 0.72 30.31 20.67
C ARG B 10 1.66 29.55 19.75
N GLU B 11 2.26 28.47 20.29
CA GLU B 11 3.14 27.63 19.49
C GLU B 11 2.39 26.39 19.02
N VAL B 12 2.53 26.02 17.74
CA VAL B 12 2.04 24.72 17.26
C VAL B 12 3.24 23.91 16.77
N ILE B 13 3.08 22.58 16.85
CA ILE B 13 4.12 21.64 16.44
C ILE B 13 3.58 20.68 15.39
N LEU B 14 4.19 20.65 14.20
CA LEU B 14 3.71 19.86 13.07
C LEU B 14 4.76 18.86 12.61
N CYS B 15 4.28 17.76 12.01
CA CYS B 15 5.10 16.73 11.36
CA CYS B 15 5.08 16.74 11.37
C CYS B 15 4.59 16.58 9.93
N LYS B 16 5.51 16.65 8.93
CA LYS B 16 5.13 16.49 7.54
C LYS B 16 4.54 15.09 7.36
N ASP B 17 3.58 14.97 6.48
CA ASP B 17 3.02 13.65 6.14
C ASP B 17 4.01 12.96 5.20
N GLN B 18 3.60 11.77 4.73
CA GLN B 18 4.49 10.93 3.97
C GLN B 18 4.69 11.44 2.56
N ASP B 19 3.89 12.45 2.12
CA ASP B 19 4.15 13.16 0.87
C ASP B 19 4.97 14.44 1.07
N GLY B 20 5.46 14.67 2.29
CA GLY B 20 6.29 15.83 2.56
C GLY B 20 5.44 17.09 2.81
N LYS B 21 4.13 16.93 3.11
CA LYS B 21 3.19 18.05 3.14
CA LYS B 21 3.19 18.05 3.14
C LYS B 21 2.68 18.29 4.55
N ILE B 22 2.28 19.55 4.86
CA ILE B 22 1.55 19.80 6.10
C ILE B 22 0.09 20.24 5.87
N GLY B 23 -0.28 20.59 4.65
CA GLY B 23 -1.65 20.90 4.29
C GLY B 23 -2.01 22.38 4.46
N LEU B 24 -1.12 23.26 4.10
CA LEU B 24 -1.26 24.70 4.26
C LEU B 24 -0.82 25.40 2.98
N ARG B 25 -1.39 26.59 2.71
CA ARG B 25 -0.77 27.55 1.81
C ARG B 25 -0.68 28.90 2.55
N LEU B 26 0.44 29.58 2.33
CA LEU B 26 0.79 30.81 3.04
C LEU B 26 0.81 31.97 2.06
N LYS B 27 0.50 33.18 2.58
CA LYS B 27 0.37 34.37 1.76
C LYS B 27 0.92 35.60 2.48
N SER B 28 1.82 36.34 1.80
CA SER B 28 2.34 37.59 2.34
C SER B 28 1.29 38.68 2.26
N ILE B 29 1.06 39.34 3.42
CA ILE B 29 0.11 40.43 3.56
C ILE B 29 0.74 41.44 4.52
N ASP B 30 0.91 42.68 4.08
CA ASP B 30 1.36 43.77 4.94
C ASP B 30 2.62 43.41 5.70
N ASN B 31 3.52 42.67 5.02
CA ASN B 31 4.81 42.27 5.56
C ASN B 31 4.72 41.24 6.70
N GLY B 32 3.57 40.58 6.83
CA GLY B 32 3.45 39.36 7.60
C GLY B 32 3.12 38.19 6.66
N ILE B 33 2.92 37.03 7.28
CA ILE B 33 2.56 35.81 6.58
C ILE B 33 1.29 35.28 7.19
N PHE B 34 0.31 34.97 6.33
CA PHE B 34 -1.00 34.50 6.77
C PHE B 34 -1.36 33.20 6.07
N VAL B 35 -2.21 32.44 6.73
CA VAL B 35 -2.73 31.19 6.16
C VAL B 35 -3.86 31.51 5.19
N GLN B 36 -3.69 31.15 3.87
CA GLN B 36 -4.76 31.29 2.90
C GLN B 36 -5.52 30.01 2.59
N LEU B 37 -5.04 28.86 3.06
CA LEU B 37 -5.67 27.55 2.81
C LEU B 37 -5.17 26.60 3.89
N VAL B 38 -6.10 25.89 4.51
CA VAL B 38 -5.81 24.71 5.33
C VAL B 38 -6.60 23.54 4.74
N GLN B 39 -5.96 22.36 4.57
CA GLN B 39 -6.70 21.17 4.13
C GLN B 39 -7.22 20.32 5.28
N ALA B 40 -8.40 19.69 5.09
CA ALA B 40 -8.97 18.78 6.07
C ALA B 40 -8.06 17.56 6.25
N ASN B 41 -8.03 17.03 7.49
CA ASN B 41 -7.32 15.80 7.80
CA ASN B 41 -7.28 15.87 7.99
C ASN B 41 -5.83 15.95 7.52
N SER B 42 -5.27 17.14 7.76
CA SER B 42 -3.88 17.40 7.45
C SER B 42 -3.15 17.64 8.75
N PRO B 43 -1.81 17.60 8.76
CA PRO B 43 -1.07 17.96 9.97
C PRO B 43 -1.52 19.34 10.49
N ALA B 44 -1.67 20.28 9.54
CA ALA B 44 -2.06 21.65 9.90
C ALA B 44 -3.47 21.72 10.50
N SER B 45 -4.44 21.05 9.90
CA SER B 45 -5.79 21.08 10.45
C SER B 45 -5.82 20.49 11.84
N LEU B 46 -5.08 19.38 12.01
CA LEU B 46 -5.15 18.64 13.27
C LEU B 46 -4.59 19.41 14.45
N VAL B 47 -3.55 20.24 14.25
CA VAL B 47 -3.01 21.07 15.32
C VAL B 47 -3.80 22.37 15.52
N GLY B 48 -4.82 22.62 14.72
CA GLY B 48 -5.78 23.69 14.93
C GLY B 48 -5.49 24.95 14.09
N LEU B 49 -4.65 24.86 13.03
CA LEU B 49 -4.46 26.02 12.19
C LEU B 49 -5.72 26.30 11.38
N ARG B 50 -5.95 27.62 11.15
CA ARG B 50 -7.16 28.08 10.48
CA ARG B 50 -7.15 28.08 10.48
C ARG B 50 -6.78 29.09 9.41
N PHE B 51 -7.63 29.15 8.38
CA PHE B 51 -7.62 30.27 7.46
C PHE B 51 -7.55 31.59 8.24
N GLY B 52 -6.64 32.45 7.82
CA GLY B 52 -6.53 33.77 8.45
C GLY B 52 -5.51 33.86 9.54
N ASP B 53 -5.00 32.72 10.06
CA ASP B 53 -3.99 32.76 11.11
C ASP B 53 -2.74 33.45 10.56
N GLN B 54 -2.05 34.15 11.46
CA GLN B 54 -0.77 34.78 11.16
C GLN B 54 0.35 33.90 11.68
N VAL B 55 1.34 33.66 10.80
CA VAL B 55 2.52 32.90 11.18
C VAL B 55 3.67 33.87 11.48
N LEU B 56 4.05 33.96 12.75
CA LEU B 56 5.07 34.91 13.19
C LEU B 56 6.46 34.31 13.00
N GLN B 57 6.59 33.01 13.30
CA GLN B 57 7.86 32.32 13.15
CA GLN B 57 7.86 32.32 13.15
C GLN B 57 7.61 30.93 12.61
N ILE B 58 8.61 30.44 11.84
CA ILE B 58 8.71 29.02 11.51
C ILE B 58 10.08 28.55 12.00
N ASN B 59 10.09 27.52 12.86
CA ASN B 59 11.34 26.95 13.38
C ASN B 59 12.20 28.05 13.98
N GLY B 60 11.55 28.96 14.71
CA GLY B 60 12.17 30.04 15.44
C GLY B 60 12.64 31.21 14.57
N GLU B 61 12.43 31.17 13.26
CA GLU B 61 12.84 32.23 12.36
CA GLU B 61 12.84 32.23 12.36
CA GLU B 61 12.84 32.22 12.34
C GLU B 61 11.65 33.15 12.08
N ASN B 62 11.88 34.47 12.17
CA ASN B 62 10.80 35.42 11.90
C ASN B 62 10.36 35.42 10.45
N CYS B 63 9.05 35.40 10.22
CA CYS B 63 8.47 35.49 8.90
C CYS B 63 8.31 36.91 8.35
N ALA B 64 8.58 37.94 9.17
CA ALA B 64 8.34 39.31 8.76
C ALA B 64 9.08 39.59 7.45
N GLY B 65 8.31 40.14 6.50
CA GLY B 65 8.83 40.58 5.23
C GLY B 65 9.04 39.46 4.22
N TRP B 66 8.76 38.22 4.58
CA TRP B 66 8.93 37.11 3.64
C TRP B 66 7.90 37.19 2.55
N SER B 67 8.30 36.91 1.30
CA SER B 67 7.35 36.69 0.24
C SER B 67 6.61 35.36 0.45
N SER B 68 5.49 35.18 -0.25
CA SER B 68 4.76 33.93 -0.27
C SER B 68 5.68 32.80 -0.75
N ASP B 69 6.46 33.08 -1.81
CA ASP B 69 7.38 32.05 -2.32
C ASP B 69 8.43 31.68 -1.31
N LYS B 70 9.00 32.68 -0.62
CA LYS B 70 9.96 32.38 0.41
C LYS B 70 9.38 31.49 1.51
N ALA B 71 8.18 31.83 2.00
CA ALA B 71 7.60 31.02 3.06
C ALA B 71 7.41 29.56 2.61
N HIS B 72 6.92 29.37 1.40
CA HIS B 72 6.74 28.01 0.84
C HIS B 72 8.07 27.26 0.73
N LYS B 73 9.12 27.97 0.29
CA LYS B 73 10.42 27.37 0.18
C LYS B 73 10.97 26.94 1.54
N VAL B 74 10.78 27.78 2.57
CA VAL B 74 11.21 27.41 3.91
C VAL B 74 10.50 26.14 4.35
N LEU B 75 9.19 26.03 4.09
CA LEU B 75 8.46 24.85 4.50
C LEU B 75 8.93 23.62 3.71
N LYS B 76 9.14 23.79 2.41
CA LYS B 76 9.59 22.69 1.56
C LYS B 76 10.92 22.15 2.08
N GLN B 77 11.83 23.03 2.52
CA GLN B 77 13.16 22.67 2.95
C GLN B 77 13.24 22.21 4.40
N ALA B 78 12.17 22.28 5.17
CA ALA B 78 12.20 21.95 6.59
C ALA B 78 12.21 20.41 6.73
N PHE B 79 13.11 19.91 7.56
CA PHE B 79 13.08 18.52 8.00
C PHE B 79 11.68 18.20 8.54
N GLY B 80 11.10 17.10 8.10
CA GLY B 80 9.68 16.91 8.40
C GLY B 80 9.33 16.50 9.82
N GLU B 81 10.28 16.18 10.68
CA GLU B 81 10.02 15.48 11.93
C GLU B 81 9.25 16.37 12.93
N LYS B 82 9.69 17.63 13.01
CA LYS B 82 9.11 18.55 13.98
C LYS B 82 9.32 19.95 13.42
N ILE B 83 8.23 20.58 13.03
CA ILE B 83 8.20 21.95 12.57
C ILE B 83 7.44 22.74 13.64
N THR B 84 8.06 23.80 14.15
CA THR B 84 7.41 24.67 15.11
C THR B 84 6.93 25.90 14.34
N MET B 85 5.72 26.34 14.72
CA MET B 85 5.27 27.64 14.23
C MET B 85 4.70 28.42 15.39
N THR B 86 4.97 29.71 15.41
CA THR B 86 4.37 30.62 16.35
CA THR B 86 4.36 30.63 16.36
C THR B 86 3.27 31.41 15.62
N ILE B 87 2.07 31.42 16.20
CA ILE B 87 0.83 31.81 15.53
C ILE B 87 0.15 32.91 16.32
N ARG B 88 -0.47 33.85 15.60
CA ARG B 88 -1.50 34.71 16.14
C ARG B 88 -2.83 34.28 15.54
N ASP B 89 -3.84 34.05 16.39
CA ASP B 89 -5.12 33.53 15.93
C ASP B 89 -5.92 34.58 15.13
N ARG B 90 -6.20 34.24 13.87
CA ARG B 90 -7.15 34.96 12.99
C ARG B 90 -7.16 36.46 13.27
N PRO B 91 -6.05 37.19 13.13
CA PRO B 91 -6.02 38.57 13.61
C PRO B 91 -6.79 39.62 12.80
N PHE B 92 -7.17 39.30 11.54
CA PHE B 92 -7.98 40.18 10.77
C PHE B 92 -9.47 39.93 10.96
N GLU B 93 -9.82 38.91 11.78
CA GLU B 93 -11.20 38.54 11.94
C GLU B 93 -11.76 38.89 13.28
N ARG B 94 -13.10 38.89 13.31
CA ARG B 94 -13.82 39.05 14.56
CA ARG B 94 -13.83 39.07 14.56
C ARG B 94 -15.02 38.11 14.55
N THR B 95 -15.45 37.74 15.74
CA THR B 95 -16.68 36.97 15.89
C THR B 95 -17.80 37.81 16.42
N ILE B 96 -19.00 37.57 15.86
CA ILE B 96 -20.22 38.24 16.28
C ILE B 96 -21.21 37.10 16.64
N THR B 97 -21.85 37.20 17.81
CA THR B 97 -22.85 36.21 18.21
C THR B 97 -24.25 36.81 18.12
N MET B 98 -25.11 36.11 17.39
CA MET B 98 -26.49 36.51 17.15
C MET B 98 -27.44 35.40 17.59
N HIS B 99 -28.73 35.77 17.71
CA HIS B 99 -29.79 34.85 18.10
C HIS B 99 -30.87 34.86 17.04
N LYS B 100 -31.24 33.65 16.56
CA LYS B 100 -32.27 33.56 15.57
C LYS B 100 -33.61 34.02 16.14
N ASP B 101 -34.39 34.74 15.32
CA ASP B 101 -35.75 35.13 15.67
C ASP B 101 -36.68 33.91 15.54
N SER B 102 -38.00 34.17 15.72
CA SER B 102 -38.99 33.10 15.76
C SER B 102 -39.11 32.45 14.39
N THR B 103 -38.68 33.12 13.30
CA THR B 103 -38.73 32.51 11.99
C THR B 103 -37.38 32.05 11.48
N GLY B 104 -36.39 31.92 12.39
CA GLY B 104 -35.13 31.26 12.13
C GLY B 104 -34.06 32.22 11.57
N HIS B 105 -34.29 33.52 11.64
CA HIS B 105 -33.43 34.47 10.91
C HIS B 105 -32.57 35.27 11.89
N VAL B 106 -31.29 35.48 11.53
CA VAL B 106 -30.44 36.38 12.30
C VAL B 106 -30.45 37.80 11.77
N GLY B 107 -30.73 38.04 10.46
CA GLY B 107 -31.00 39.39 9.98
C GLY B 107 -30.01 39.97 8.97
N PHE B 108 -29.61 39.21 7.97
CA PHE B 108 -28.77 39.78 6.92
C PHE B 108 -28.99 39.11 5.58
N ILE B 109 -28.50 39.81 4.56
CA ILE B 109 -28.38 39.32 3.21
C ILE B 109 -26.90 39.27 2.84
N PHE B 110 -26.52 38.26 2.06
CA PHE B 110 -25.18 38.14 1.57
C PHE B 110 -25.13 37.64 0.14
N LYS B 111 -24.00 37.80 -0.50
CA LYS B 111 -23.75 37.35 -1.86
C LYS B 111 -22.29 37.00 -2.02
N ASN B 112 -22.00 35.81 -2.58
CA ASN B 112 -20.64 35.33 -2.73
C ASN B 112 -19.91 35.42 -1.38
N GLY B 113 -20.62 35.05 -0.33
CA GLY B 113 -20.04 34.98 1.01
C GLY B 113 -19.94 36.32 1.70
N LYS B 114 -20.27 37.42 1.03
CA LYS B 114 -20.06 38.75 1.56
C LYS B 114 -21.37 39.34 2.02
N ILE B 115 -21.42 39.84 3.28
CA ILE B 115 -22.61 40.42 3.83
C ILE B 115 -22.87 41.77 3.15
N THR B 116 -24.08 41.98 2.64
CA THR B 116 -24.41 43.16 1.85
C THR B 116 -25.49 44.04 2.45
N SER B 117 -26.34 43.53 3.35
CA SER B 117 -27.27 44.35 4.05
C SER B 117 -27.67 43.75 5.40
N ILE B 118 -27.99 44.65 6.32
CA ILE B 118 -28.42 44.28 7.67
C ILE B 118 -29.91 44.58 7.77
N VAL B 119 -30.67 43.61 8.23
CA VAL B 119 -32.11 43.76 8.35
C VAL B 119 -32.45 44.55 9.60
N LYS B 120 -33.35 45.53 9.44
CA LYS B 120 -33.81 46.36 10.54
C LYS B 120 -34.44 45.54 11.66
N ASP B 121 -34.08 45.88 12.91
CA ASP B 121 -34.68 45.30 14.11
CA ASP B 121 -34.66 45.30 14.13
C ASP B 121 -34.30 43.82 14.31
N SER B 122 -33.21 43.36 13.69
CA SER B 122 -32.74 42.00 13.78
C SER B 122 -31.67 41.82 14.85
N SER B 123 -31.32 40.58 15.12
CA SER B 123 -30.18 40.27 15.98
C SER B 123 -28.88 40.81 15.37
N ALA B 124 -28.78 40.70 14.04
CA ALA B 124 -27.61 41.23 13.34
C ALA B 124 -27.47 42.73 13.60
N ALA B 125 -28.60 43.47 13.50
CA ALA B 125 -28.60 44.89 13.81
C ALA B 125 -28.21 45.15 15.26
N ARG B 126 -28.79 44.41 16.20
CA ARG B 126 -28.55 44.66 17.61
C ARG B 126 -27.09 44.41 17.97
N ASN B 127 -26.45 43.43 17.32
CA ASN B 127 -25.08 43.04 17.61
C ASN B 127 -24.05 43.75 16.72
N GLY B 128 -24.49 44.66 15.85
CA GLY B 128 -23.57 45.48 15.07
C GLY B 128 -22.82 44.73 13.98
N LEU B 129 -23.47 43.73 13.34
CA LEU B 129 -22.89 43.07 12.19
C LEU B 129 -22.71 44.11 11.06
N LEU B 130 -21.56 44.00 10.37
CA LEU B 130 -21.19 44.94 9.33
C LEU B 130 -21.31 44.31 7.95
N THR B 131 -21.58 45.20 6.97
CA THR B 131 -21.54 44.86 5.57
C THR B 131 -20.13 44.98 5.02
N GLU B 132 -19.95 44.53 3.78
CA GLU B 132 -18.63 44.56 3.16
C GLU B 132 -17.64 43.71 3.98
N HIS B 133 -18.15 42.62 4.57
CA HIS B 133 -17.38 41.65 5.34
C HIS B 133 -17.70 40.26 4.78
N ASN B 134 -16.66 39.47 4.57
CA ASN B 134 -16.76 38.08 4.14
C ASN B 134 -17.04 37.21 5.36
N ILE B 135 -17.94 36.26 5.16
CA ILE B 135 -18.20 35.22 6.16
C ILE B 135 -17.10 34.16 6.03
N CYS B 136 -16.32 33.99 7.13
CA CYS B 136 -15.22 33.05 7.16
C CYS B 136 -15.62 31.74 7.83
N GLU B 137 -16.40 31.86 8.92
CA GLU B 137 -16.75 30.70 9.74
C GLU B 137 -18.15 30.89 10.25
N ILE B 138 -18.85 29.76 10.49
CA ILE B 138 -20.11 29.71 11.21
C ILE B 138 -19.94 28.70 12.34
N ASN B 139 -20.13 29.16 13.57
CA ASN B 139 -19.87 28.34 14.77
C ASN B 139 -18.54 27.62 14.68
N GLY B 140 -17.52 28.33 14.19
CA GLY B 140 -16.16 27.83 14.12
C GLY B 140 -15.84 26.89 12.96
N GLN B 141 -16.81 26.63 12.09
CA GLN B 141 -16.65 25.84 10.88
C GLN B 141 -16.31 26.77 9.71
N ASN B 142 -15.16 26.56 9.06
CA ASN B 142 -14.78 27.31 7.88
C ASN B 142 -15.81 27.05 6.76
N VAL B 143 -16.34 28.11 6.14
CA VAL B 143 -17.31 28.03 5.05
C VAL B 143 -16.79 28.69 3.76
N ILE B 144 -15.50 29.00 3.71
CA ILE B 144 -14.91 29.68 2.58
C ILE B 144 -14.84 28.77 1.36
N GLY B 145 -15.37 29.30 0.23
CA GLY B 145 -15.39 28.55 -1.02
C GLY B 145 -16.69 27.78 -1.22
N LEU B 146 -17.55 27.73 -0.21
CA LEU B 146 -18.84 27.09 -0.33
C LEU B 146 -19.79 27.99 -1.15
N LYS B 147 -20.81 27.36 -1.73
CA LYS B 147 -21.88 28.10 -2.40
CA LYS B 147 -21.87 28.10 -2.39
C LYS B 147 -22.69 28.88 -1.38
N ASP B 148 -23.31 29.97 -1.81
CA ASP B 148 -24.18 30.72 -0.95
C ASP B 148 -25.27 29.83 -0.38
N SER B 149 -25.81 28.88 -1.20
CA SER B 149 -26.90 28.06 -0.69
C SER B 149 -26.41 27.14 0.43
N GLN B 150 -25.15 26.73 0.35
CA GLN B 150 -24.55 25.87 1.36
C GLN B 150 -24.34 26.64 2.65
N ILE B 151 -23.87 27.91 2.52
CA ILE B 151 -23.73 28.76 3.70
C ILE B 151 -25.07 28.97 4.38
N ALA B 152 -26.13 29.25 3.57
CA ALA B 152 -27.47 29.38 4.11
C ALA B 152 -27.96 28.11 4.83
N ASP B 153 -27.65 26.95 4.28
CA ASP B 153 -28.04 25.67 4.89
C ASP B 153 -27.35 25.48 6.22
N ILE B 154 -26.06 25.84 6.32
CA ILE B 154 -25.34 25.74 7.58
C ILE B 154 -25.95 26.67 8.62
N LEU B 155 -26.28 27.91 8.22
CA LEU B 155 -26.99 28.77 9.13
C LEU B 155 -28.31 28.16 9.59
N SER B 156 -29.06 27.53 8.66
CA SER B 156 -30.35 26.92 9.00
C SER B 156 -30.21 25.81 10.05
N THR B 157 -29.15 25.00 9.97
CA THR B 157 -28.94 23.88 10.88
C THR B 157 -28.19 24.26 12.15
N SER B 158 -27.72 25.52 12.26
CA SER B 158 -27.28 26.01 13.54
CA SER B 158 -27.28 26.01 13.54
C SER B 158 -28.46 26.00 14.51
N GLY B 159 -28.16 25.89 15.78
CA GLY B 159 -29.15 26.22 16.77
C GLY B 159 -29.42 27.72 16.78
N THR B 160 -30.17 28.14 17.79
CA THR B 160 -30.64 29.52 17.91
C THR B 160 -29.48 30.50 17.98
N VAL B 161 -28.42 30.12 18.70
CA VAL B 161 -27.23 30.95 18.87
C VAL B 161 -26.25 30.66 17.74
N VAL B 162 -25.99 31.71 16.96
CA VAL B 162 -25.19 31.61 15.77
C VAL B 162 -24.00 32.54 15.97
N THR B 163 -22.78 32.00 15.92
CA THR B 163 -21.60 32.83 15.93
C THR B 163 -21.03 32.85 14.52
N ILE B 164 -20.82 34.07 13.98
CA ILE B 164 -20.18 34.18 12.68
C ILE B 164 -18.83 34.86 12.85
N THR B 165 -17.83 34.31 12.15
CA THR B 165 -16.53 34.91 12.07
C THR B 165 -16.44 35.65 10.74
N ILE B 166 -16.11 36.94 10.82
CA ILE B 166 -16.11 37.82 9.64
C ILE B 166 -14.75 38.50 9.47
N MET B 167 -14.49 38.91 8.24
CA MET B 167 -13.24 39.59 7.85
C MET B 167 -13.59 40.69 6.87
N PRO B 168 -13.04 41.92 7.02
CA PRO B 168 -13.29 42.95 5.99
C PRO B 168 -12.96 42.41 4.59
N ALA B 169 -13.87 42.69 3.65
CA ALA B 169 -13.80 42.10 2.32
C ALA B 169 -12.52 42.45 1.59
N PHE B 170 -11.97 43.68 1.78
CA PHE B 170 -10.75 44.05 1.08
CA PHE B 170 -10.74 44.05 1.09
C PHE B 170 -9.57 43.19 1.53
N ILE B 171 -9.56 42.80 2.82
CA ILE B 171 -8.51 41.96 3.32
C ILE B 171 -8.72 40.52 2.83
N PHE B 172 -9.95 40.04 2.88
CA PHE B 172 -10.26 38.70 2.38
C PHE B 172 -9.82 38.55 0.91
N GLU B 173 -10.17 39.55 0.09
CA GLU B 173 -9.78 39.48 -1.34
C GLU B 173 -8.27 39.44 -1.52
N HIS B 174 -7.55 40.12 -0.63
CA HIS B 174 -6.10 40.12 -0.66
C HIS B 174 -5.54 38.75 -0.31
N ILE B 175 -6.06 38.15 0.79
CA ILE B 175 -5.53 36.90 1.27
C ILE B 175 -5.71 35.77 0.26
N ILE B 176 -6.76 35.80 -0.53
CA ILE B 176 -7.04 34.69 -1.44
C ILE B 176 -6.33 34.88 -2.78
N LYS B 177 -5.60 35.98 -2.97
CA LYS B 177 -4.77 36.13 -4.18
C LYS B 177 -3.71 35.05 -4.25
N ARG B 178 -3.31 34.71 -5.48
CA ARG B 178 -2.22 33.77 -5.77
C ARG B 178 -2.68 32.34 -5.48
N MET B 179 -3.99 32.12 -5.56
CA MET B 179 -4.55 30.81 -5.35
C MET B 179 -5.70 30.67 -6.34
N ALA B 180 -5.71 29.56 -7.10
CA ALA B 180 -6.79 29.31 -8.05
C ALA B 180 -8.11 29.05 -7.34
N PRO B 181 -9.22 29.71 -7.76
CA PRO B 181 -10.52 29.46 -7.10
C PRO B 181 -10.92 27.99 -7.05
N SER B 182 -10.60 27.19 -8.08
CA SER B 182 -10.87 25.76 -8.06
C SER B 182 -10.18 25.04 -6.92
N ILE B 183 -8.92 25.41 -6.64
CA ILE B 183 -8.13 24.86 -5.53
C ILE B 183 -8.77 25.29 -4.20
N MET B 184 -9.12 26.58 -4.08
CA MET B 184 -9.69 27.06 -2.83
C MET B 184 -10.98 26.30 -2.54
N LYS B 185 -11.81 26.09 -3.57
CA LYS B 185 -13.08 25.43 -3.39
C LYS B 185 -12.91 23.94 -3.09
N SER B 186 -11.98 23.27 -3.77
CA SER B 186 -11.88 21.81 -3.64
C SER B 186 -11.14 21.39 -2.37
N LEU B 187 -10.16 22.19 -1.89
CA LEU B 187 -9.27 21.75 -0.83
C LEU B 187 -9.50 22.42 0.54
N MET B 188 -10.29 23.49 0.61
CA MET B 188 -10.44 24.20 1.89
C MET B 188 -11.13 23.30 2.90
N ASP B 189 -10.54 23.22 4.12
CA ASP B 189 -11.10 22.53 5.28
C ASP B 189 -12.45 23.09 5.65
N HIS B 190 -13.45 22.20 5.83
CA HIS B 190 -14.75 22.53 6.34
C HIS B 190 -15.16 21.63 7.51
N THR B 191 -14.15 21.10 8.21
CA THR B 191 -14.36 20.22 9.36
C THR B 191 -15.15 20.94 10.44
N ILE B 192 -16.17 20.27 11.02
CA ILE B 192 -16.83 20.78 12.19
C ILE B 192 -15.94 20.56 13.42
N PRO B 193 -15.58 21.59 14.22
CA PRO B 193 -14.55 21.41 15.24
C PRO B 193 -15.02 20.41 16.32
N GLU B 194 -14.10 19.49 16.59
CA GLU B 194 -14.39 18.35 17.44
CA GLU B 194 -14.39 18.36 17.46
C GLU B 194 -13.92 18.69 18.86
N VAL B 195 -14.39 17.92 19.85
CA VAL B 195 -13.83 17.88 21.20
C VAL B 195 -13.18 16.52 21.46
N ALA C 3 22.74 -21.99 2.79
CA ALA C 3 21.82 -20.83 2.57
C ALA C 3 22.54 -19.51 2.83
N GLU C 4 23.33 -19.41 3.91
CA GLU C 4 23.84 -18.12 4.40
C GLU C 4 24.77 -17.53 3.35
N ILE C 5 24.64 -16.22 3.10
CA ILE C 5 25.33 -15.59 1.97
C ILE C 5 26.76 -15.31 2.43
N LYS C 6 27.78 -15.83 1.73
CA LYS C 6 29.18 -15.56 2.07
C LYS C 6 29.61 -14.18 1.57
N GLN C 7 30.35 -13.44 2.41
CA GLN C 7 31.00 -12.21 2.02
C GLN C 7 32.30 -12.49 1.23
N GLY C 8 32.78 -11.48 0.53
CA GLY C 8 33.98 -11.62 -0.26
C GLY C 8 33.76 -12.49 -1.51
N ILE C 9 34.87 -12.99 -2.00
CA ILE C 9 35.03 -13.50 -3.35
C ILE C 9 35.70 -14.85 -3.18
N ARG C 10 35.38 -15.82 -4.04
CA ARG C 10 36.05 -17.10 -4.00
C ARG C 10 36.37 -17.55 -5.43
N GLU C 11 37.33 -18.45 -5.56
CA GLU C 11 37.66 -19.03 -6.85
C GLU C 11 37.05 -20.41 -6.94
N VAL C 12 36.46 -20.75 -8.11
CA VAL C 12 36.06 -22.11 -8.40
C VAL C 12 36.81 -22.57 -9.66
N ILE C 13 37.07 -23.87 -9.71
CA ILE C 13 37.78 -24.47 -10.83
C ILE C 13 36.90 -25.60 -11.39
N LEU C 14 36.56 -25.53 -12.69
CA LEU C 14 35.66 -26.49 -13.34
C LEU C 14 36.33 -27.15 -14.53
N CYS C 15 35.80 -28.32 -14.90
CA CYS C 15 36.10 -28.97 -16.17
CA CYS C 15 36.10 -28.92 -16.20
C CYS C 15 34.79 -29.27 -16.90
N LYS C 16 34.80 -29.03 -18.24
CA LYS C 16 33.67 -29.43 -19.09
C LYS C 16 33.45 -30.91 -18.96
N ASP C 17 32.19 -31.33 -18.98
CA ASP C 17 31.80 -32.72 -18.91
C ASP C 17 32.06 -33.36 -20.25
N GLN C 18 31.62 -34.61 -20.40
CA GLN C 18 31.87 -35.43 -21.57
C GLN C 18 31.13 -34.88 -22.79
N ASP C 19 30.11 -34.03 -22.57
CA ASP C 19 29.36 -33.38 -23.65
C ASP C 19 29.89 -31.98 -23.93
N GLY C 20 31.01 -31.59 -23.30
CA GLY C 20 31.61 -30.28 -23.53
C GLY C 20 30.87 -29.14 -22.77
N LYS C 21 30.11 -29.50 -21.73
CA LYS C 21 29.24 -28.56 -21.02
C LYS C 21 29.72 -28.31 -19.61
N ILE C 22 29.42 -27.12 -19.07
CA ILE C 22 29.55 -26.89 -17.64
C ILE C 22 28.18 -26.78 -16.96
N GLY C 23 27.11 -26.45 -17.68
CA GLY C 23 25.74 -26.47 -17.15
C GLY C 23 25.30 -25.11 -16.63
N LEU C 24 25.68 -24.03 -17.32
CA LEU C 24 25.34 -22.67 -16.90
C LEU C 24 24.61 -21.92 -18.00
N ARG C 25 23.80 -20.95 -17.56
CA ARG C 25 23.40 -19.82 -18.39
C ARG C 25 23.71 -18.55 -17.62
N LEU C 26 24.36 -17.61 -18.30
CA LEU C 26 24.81 -16.37 -17.73
C LEU C 26 24.02 -15.20 -18.31
N LYS C 27 23.94 -14.12 -17.51
CA LYS C 27 23.13 -12.95 -17.88
C LYS C 27 23.86 -11.69 -17.48
N SER C 28 23.95 -10.72 -18.42
CA SER C 28 24.45 -9.38 -18.11
C SER C 28 23.40 -8.59 -17.34
N ILE C 29 23.82 -8.05 -16.20
CA ILE C 29 23.01 -7.21 -15.34
C ILE C 29 23.89 -6.10 -14.80
N ASP C 30 23.54 -4.83 -15.09
CA ASP C 30 24.22 -3.67 -14.48
C ASP C 30 25.72 -3.72 -14.70
N ASN C 31 26.12 -4.21 -15.88
CA ASN C 31 27.52 -4.32 -16.30
C ASN C 31 28.33 -5.34 -15.51
N GLY C 32 27.63 -6.25 -14.80
CA GLY C 32 28.22 -7.50 -14.36
C GLY C 32 27.62 -8.69 -15.10
N ILE C 33 28.07 -9.86 -14.70
CA ILE C 33 27.60 -11.15 -15.23
C ILE C 33 27.14 -12.00 -14.06
N PHE C 34 25.90 -12.51 -14.18
CA PHE C 34 25.25 -13.29 -13.17
C PHE C 34 24.79 -14.63 -13.72
N VAL C 35 24.72 -15.60 -12.80
CA VAL C 35 24.16 -16.91 -13.12
C VAL C 35 22.62 -16.84 -13.13
N GLN C 36 22.02 -17.11 -14.31
CA GLN C 36 20.57 -17.18 -14.42
C GLN C 36 20.03 -18.61 -14.40
N LEU C 37 20.91 -19.60 -14.66
CA LEU C 37 20.54 -20.99 -14.60
C LEU C 37 21.77 -21.81 -14.27
N VAL C 38 21.60 -22.76 -13.34
CA VAL C 38 22.56 -23.82 -13.08
C VAL C 38 21.82 -25.14 -13.27
N GLN C 39 22.39 -26.07 -14.06
CA GLN C 39 21.76 -27.36 -14.26
C GLN C 39 22.10 -28.35 -13.15
N ALA C 40 21.14 -29.22 -12.78
CA ALA C 40 21.43 -30.30 -11.83
C ALA C 40 22.47 -31.25 -12.40
N ASN C 41 23.36 -31.77 -11.53
CA ASN C 41 24.32 -32.81 -11.90
C ASN C 41 25.29 -32.29 -12.96
N SER C 42 25.64 -31.00 -12.90
CA SER C 42 26.54 -30.41 -13.88
C SER C 42 27.85 -30.08 -13.22
N PRO C 43 28.94 -29.85 -13.96
CA PRO C 43 30.17 -29.33 -13.35
C PRO C 43 29.92 -28.08 -12.51
N ALA C 44 29.07 -27.15 -12.99
CA ALA C 44 28.77 -25.93 -12.25
C ALA C 44 28.04 -26.24 -10.94
N SER C 45 27.03 -27.10 -10.94
CA SER C 45 26.30 -27.38 -9.72
CA SER C 45 26.29 -27.40 -9.71
C SER C 45 27.24 -28.06 -8.71
N LEU C 46 28.08 -28.96 -9.21
CA LEU C 46 28.92 -29.77 -8.34
C LEU C 46 30.00 -28.94 -7.64
N VAL C 47 30.55 -27.89 -8.30
CA VAL C 47 31.52 -27.02 -7.65
C VAL C 47 30.86 -26.01 -6.72
N GLY C 48 29.54 -25.90 -6.71
CA GLY C 48 28.79 -25.09 -5.77
C GLY C 48 28.27 -23.77 -6.34
N LEU C 49 28.27 -23.59 -7.68
CA LEU C 49 27.63 -22.38 -8.21
C LEU C 49 26.11 -22.45 -8.03
N ARG C 50 25.52 -21.25 -7.82
CA ARG C 50 24.12 -21.09 -7.53
C ARG C 50 23.56 -19.99 -8.43
N PHE C 51 22.24 -20.11 -8.66
CA PHE C 51 21.46 -19.03 -9.22
C PHE C 51 21.77 -17.73 -8.47
N GLY C 52 22.03 -16.66 -9.21
CA GLY C 52 22.26 -15.38 -8.60
C GLY C 52 23.73 -15.05 -8.33
N ASP C 53 24.64 -16.05 -8.44
CA ASP C 53 26.05 -15.78 -8.23
C ASP C 53 26.55 -14.82 -9.31
N GLN C 54 27.49 -13.94 -8.88
CA GLN C 54 28.16 -13.03 -9.79
C GLN C 54 29.51 -13.61 -10.21
N VAL C 55 29.76 -13.58 -11.52
CA VAL C 55 31.02 -14.02 -12.10
C VAL C 55 31.88 -12.79 -12.39
N LEU C 56 32.95 -12.62 -11.58
CA LEU C 56 33.83 -11.47 -11.69
C LEU C 56 34.92 -11.69 -12.75
N GLN C 57 35.42 -12.93 -12.83
CA GLN C 57 36.43 -13.28 -13.82
CA GLN C 57 36.44 -13.28 -13.81
C GLN C 57 36.16 -14.68 -14.34
N ILE C 58 36.56 -14.90 -15.61
CA ILE C 58 36.68 -16.21 -16.22
C ILE C 58 38.12 -16.35 -16.72
N ASN C 59 38.80 -17.37 -16.26
CA ASN C 59 40.21 -17.64 -16.63
C ASN C 59 41.07 -16.39 -16.45
N GLY C 60 40.81 -15.65 -15.36
CA GLY C 60 41.58 -14.46 -15.00
C GLY C 60 41.19 -13.21 -15.75
N GLU C 61 40.21 -13.26 -16.66
CA GLU C 61 39.78 -12.12 -17.44
C GLU C 61 38.53 -11.50 -16.77
N ASN C 62 38.52 -10.19 -16.60
CA ASN C 62 37.36 -9.53 -15.99
C ASN C 62 36.15 -9.60 -16.89
N CYS C 63 34.98 -9.96 -16.27
CA CYS C 63 33.73 -10.02 -16.98
C CYS C 63 32.99 -8.68 -17.05
N ALA C 64 33.51 -7.62 -16.38
CA ALA C 64 32.81 -6.36 -16.35
C ALA C 64 32.47 -5.85 -17.75
N GLY C 65 31.20 -5.54 -17.93
CA GLY C 65 30.67 -4.98 -19.16
C GLY C 65 30.46 -5.98 -20.29
N TRP C 66 30.72 -7.28 -20.05
CA TRP C 66 30.47 -8.29 -21.05
C TRP C 66 28.99 -8.46 -21.30
N SER C 67 28.60 -8.66 -22.56
CA SER C 67 27.25 -9.07 -22.88
C SER C 67 27.04 -10.53 -22.45
N SER C 68 25.78 -10.95 -22.40
CA SER C 68 25.45 -12.34 -22.15
C SER C 68 26.07 -13.23 -23.24
N ASP C 69 25.95 -12.76 -24.50
CA ASP C 69 26.49 -13.48 -25.65
C ASP C 69 27.99 -13.63 -25.54
N LYS C 70 28.68 -12.55 -25.15
CA LYS C 70 30.13 -12.60 -24.99
CA LYS C 70 30.14 -12.60 -24.98
C LYS C 70 30.52 -13.62 -23.93
N ALA C 71 29.85 -13.57 -22.75
CA ALA C 71 30.24 -14.51 -21.72
C ALA C 71 30.08 -15.97 -22.19
N HIS C 72 28.98 -16.28 -22.88
CA HIS C 72 28.76 -17.62 -23.41
C HIS C 72 29.83 -18.00 -24.44
N LYS C 73 30.23 -17.05 -25.28
CA LYS C 73 31.21 -17.33 -26.34
C LYS C 73 32.55 -17.64 -25.71
N VAL C 74 32.91 -16.89 -24.66
CA VAL C 74 34.13 -17.15 -23.94
C VAL C 74 34.14 -18.55 -23.37
N LEU C 75 33.03 -18.96 -22.73
CA LEU C 75 33.03 -20.26 -22.10
C LEU C 75 32.92 -21.36 -23.17
N LYS C 76 32.20 -21.11 -24.26
CA LYS C 76 32.10 -22.07 -25.35
C LYS C 76 33.48 -22.34 -25.92
N GLN C 77 34.32 -21.30 -26.05
CA GLN C 77 35.64 -21.40 -26.66
C GLN C 77 36.73 -21.81 -25.67
N ALA C 78 36.42 -21.96 -24.37
CA ALA C 78 37.44 -22.30 -23.39
C ALA C 78 37.78 -23.77 -23.44
N PHE C 79 39.09 -24.07 -23.56
CA PHE C 79 39.55 -25.43 -23.81
C PHE C 79 40.95 -25.63 -23.24
N GLY C 80 41.31 -24.80 -22.26
CA GLY C 80 42.28 -25.27 -21.28
C GLY C 80 41.75 -26.52 -20.60
N GLU C 81 42.61 -27.16 -19.82
CA GLU C 81 42.25 -28.37 -19.07
C GLU C 81 41.30 -28.03 -17.92
N LYS C 82 41.45 -26.85 -17.32
CA LYS C 82 40.41 -26.37 -16.42
C LYS C 82 39.98 -24.93 -16.74
N ILE C 83 38.79 -24.59 -16.21
CA ILE C 83 38.23 -23.26 -16.30
C ILE C 83 38.18 -22.70 -14.88
N THR C 84 38.72 -21.51 -14.70
CA THR C 84 38.71 -20.85 -13.41
CA THR C 84 38.71 -20.85 -13.41
C THR C 84 37.67 -19.74 -13.47
N MET C 85 36.92 -19.59 -12.41
CA MET C 85 36.01 -18.47 -12.28
C MET C 85 36.15 -17.87 -10.89
N THR C 86 36.08 -16.55 -10.82
CA THR C 86 36.04 -15.83 -9.56
C THR C 86 34.60 -15.38 -9.34
N ILE C 87 34.07 -15.69 -8.16
CA ILE C 87 32.62 -15.56 -7.87
C ILE C 87 32.44 -14.66 -6.66
N ARG C 88 31.36 -13.85 -6.71
CA ARG C 88 30.78 -13.26 -5.52
C ARG C 88 29.46 -13.96 -5.26
N ASP C 89 29.25 -14.42 -4.04
CA ASP C 89 28.12 -15.25 -3.66
C ASP C 89 26.81 -14.43 -3.66
N ARG C 90 25.88 -14.84 -4.52
CA ARG C 90 24.47 -14.38 -4.52
C ARG C 90 24.33 -12.94 -4.02
N PRO C 91 24.91 -11.94 -4.70
CA PRO C 91 24.98 -10.60 -4.12
C PRO C 91 23.67 -9.81 -4.06
N PHE C 92 22.66 -10.20 -4.86
CA PHE C 92 21.37 -9.55 -4.83
C PHE C 92 20.41 -10.18 -3.83
N GLU C 93 20.85 -11.23 -3.15
CA GLU C 93 19.97 -11.97 -2.25
C GLU C 93 20.34 -11.79 -0.79
N ARG C 94 19.37 -12.11 0.05
CA ARG C 94 19.55 -12.18 1.48
CA ARG C 94 19.49 -12.12 1.50
C ARG C 94 18.75 -13.34 2.06
N THR C 95 19.20 -13.80 3.23
CA THR C 95 18.50 -14.88 3.92
C THR C 95 17.79 -14.35 5.15
N ILE C 96 16.57 -14.83 5.35
CA ILE C 96 15.77 -14.51 6.53
C ILE C 96 15.40 -15.84 7.21
N THR C 97 15.70 -15.97 8.51
CA THR C 97 15.32 -17.15 9.27
C THR C 97 14.10 -16.88 10.14
N MET C 98 13.09 -17.73 10.02
CA MET C 98 11.82 -17.63 10.72
C MET C 98 11.51 -18.96 11.41
N HIS C 99 10.50 -18.93 12.30
CA HIS C 99 10.07 -20.08 13.09
C HIS C 99 8.58 -20.26 12.89
N LYS C 100 8.16 -21.48 12.54
CA LYS C 100 6.75 -21.77 12.40
C LYS C 100 6.08 -21.59 13.76
N ASP C 101 4.82 -21.12 13.69
CA ASP C 101 3.97 -21.09 14.88
C ASP C 101 3.47 -22.50 15.20
N SER C 102 2.64 -22.59 16.24
CA SER C 102 2.17 -23.85 16.80
C SER C 102 1.34 -24.62 15.78
N THR C 103 0.78 -23.95 14.76
CA THR C 103 0.00 -24.65 13.75
C THR C 103 0.72 -24.74 12.40
N GLY C 104 2.03 -24.52 12.41
CA GLY C 104 2.87 -24.79 11.24
C GLY C 104 2.98 -23.64 10.24
N HIS C 105 2.62 -22.40 10.66
CA HIS C 105 2.62 -21.28 9.72
C HIS C 105 3.81 -20.37 10.00
N VAL C 106 4.55 -19.93 8.95
CA VAL C 106 5.69 -19.01 9.10
C VAL C 106 5.25 -17.52 9.13
N GLY C 107 4.20 -17.26 8.30
CA GLY C 107 3.48 -15.99 8.31
C GLY C 107 3.55 -15.22 7.00
N PHE C 108 3.40 -15.86 5.84
CA PHE C 108 3.37 -15.13 4.60
C PHE C 108 2.58 -15.88 3.54
N ILE C 109 2.13 -15.09 2.57
CA ILE C 109 1.48 -15.54 1.38
C ILE C 109 2.38 -15.27 0.18
N PHE C 110 2.37 -16.17 -0.81
CA PHE C 110 3.14 -15.96 -2.01
C PHE C 110 2.35 -16.43 -3.23
N LYS C 111 2.78 -15.95 -4.39
CA LYS C 111 2.17 -16.28 -5.66
C LYS C 111 3.22 -16.21 -6.74
N ASN C 112 3.35 -17.28 -7.54
CA ASN C 112 4.37 -17.37 -8.57
C ASN C 112 5.74 -17.14 -7.93
N GLY C 113 5.92 -17.71 -6.72
CA GLY C 113 7.19 -17.63 -6.01
C GLY C 113 7.50 -16.26 -5.42
N LYS C 114 6.59 -15.29 -5.54
CA LYS C 114 6.81 -13.95 -5.04
C LYS C 114 5.99 -13.72 -3.78
N ILE C 115 6.61 -13.22 -2.72
CA ILE C 115 5.92 -12.97 -1.45
C ILE C 115 5.00 -11.75 -1.65
N THR C 116 3.72 -11.92 -1.27
CA THR C 116 2.72 -10.89 -1.54
C THR C 116 2.14 -10.29 -0.26
N SER C 117 2.14 -10.99 0.87
CA SER C 117 1.72 -10.38 2.12
C SER C 117 2.40 -11.07 3.28
N ILE C 118 2.52 -10.32 4.37
CA ILE C 118 3.12 -10.74 5.62
C ILE C 118 2.00 -10.76 6.66
N VAL C 119 1.91 -11.86 7.39
CA VAL C 119 0.85 -12.02 8.37
C VAL C 119 1.22 -11.29 9.65
N LYS C 120 0.23 -10.54 10.20
CA LYS C 120 0.40 -9.84 11.47
C LYS C 120 0.78 -10.78 12.60
N ASP C 121 1.77 -10.39 13.42
CA ASP C 121 2.17 -11.08 14.63
C ASP C 121 2.82 -12.44 14.34
N SER C 122 3.37 -12.61 13.13
CA SER C 122 4.01 -13.86 12.74
C SER C 122 5.52 -13.76 12.91
N SER C 123 6.21 -14.91 12.75
CA SER C 123 7.66 -14.89 12.73
C SER C 123 8.20 -14.12 11.52
N ALA C 124 7.48 -14.19 10.41
CA ALA C 124 7.81 -13.43 9.21
C ALA C 124 7.80 -11.93 9.54
N ALA C 125 6.73 -11.48 10.22
CA ALA C 125 6.64 -10.09 10.65
C ALA C 125 7.79 -9.73 11.60
N ARG C 126 8.05 -10.56 12.62
CA ARG C 126 9.06 -10.28 13.62
C ARG C 126 10.44 -10.15 12.98
N ASN C 127 10.70 -10.95 11.93
CA ASN C 127 12.02 -11.00 11.30
C ASN C 127 12.10 -10.08 10.08
N GLY C 128 11.03 -9.32 9.77
CA GLY C 128 11.07 -8.26 8.77
C GLY C 128 11.14 -8.82 7.36
N LEU C 129 10.42 -9.94 7.10
CA LEU C 129 10.29 -10.43 5.75
C LEU C 129 9.57 -9.37 4.92
N LEU C 130 9.98 -9.22 3.64
CA LEU C 130 9.43 -8.22 2.76
C LEU C 130 8.59 -8.85 1.65
N THR C 131 7.60 -8.08 1.17
CA THR C 131 6.84 -8.38 -0.03
C THR C 131 7.58 -7.90 -1.26
N GLU C 132 7.06 -8.29 -2.44
CA GLU C 132 7.66 -7.94 -3.70
C GLU C 132 9.09 -8.49 -3.76
N HIS C 133 9.28 -9.67 -3.18
CA HIS C 133 10.55 -10.39 -3.20
C HIS C 133 10.26 -11.82 -3.64
N ASN C 134 11.07 -12.32 -4.55
CA ASN C 134 11.00 -13.69 -5.03
C ASN C 134 11.74 -14.63 -4.08
N ILE C 135 11.10 -15.77 -3.82
CA ILE C 135 11.73 -16.87 -3.08
C ILE C 135 12.68 -17.61 -4.03
N CYS C 136 13.97 -17.56 -3.70
CA CYS C 136 15.00 -18.23 -4.47
C CYS C 136 15.35 -19.59 -3.91
N GLU C 137 15.46 -19.67 -2.57
CA GLU C 137 15.84 -20.91 -1.90
C GLU C 137 15.04 -21.06 -0.62
N ILE C 138 14.85 -22.34 -0.22
CA ILE C 138 14.30 -22.68 1.08
C ILE C 138 15.27 -23.64 1.74
N ASN C 139 15.80 -23.25 2.91
CA ASN C 139 16.82 -24.03 3.61
C ASN C 139 17.95 -24.44 2.64
N GLY C 140 18.34 -23.47 1.80
CA GLY C 140 19.50 -23.64 0.92
C GLY C 140 19.21 -24.38 -0.38
N GLN C 141 17.99 -24.87 -0.59
CA GLN C 141 17.60 -25.57 -1.79
C GLN C 141 16.95 -24.60 -2.77
N ASN C 142 17.47 -24.54 -3.99
CA ASN C 142 16.88 -23.71 -5.05
C ASN C 142 15.47 -24.21 -5.37
N VAL C 143 14.48 -23.29 -5.35
CA VAL C 143 13.09 -23.59 -5.65
C VAL C 143 12.56 -22.83 -6.85
N ILE C 144 13.46 -22.24 -7.64
CA ILE C 144 13.06 -21.39 -8.77
C ILE C 144 12.57 -22.29 -9.92
N GLY C 145 11.36 -21.98 -10.40
CA GLY C 145 10.79 -22.76 -11.47
C GLY C 145 9.81 -23.82 -10.95
N LEU C 146 9.82 -24.07 -9.65
CA LEU C 146 8.88 -25.02 -9.06
C LEU C 146 7.49 -24.37 -8.99
N LYS C 147 6.44 -25.22 -9.03
CA LYS C 147 5.08 -24.73 -8.87
C LYS C 147 4.89 -24.20 -7.46
N ASP C 148 3.94 -23.27 -7.28
CA ASP C 148 3.61 -22.81 -5.95
C ASP C 148 3.29 -23.97 -5.03
N SER C 149 2.57 -25.01 -5.52
CA SER C 149 2.23 -26.12 -4.66
C SER C 149 3.45 -26.88 -4.17
N GLN C 150 4.48 -26.95 -5.01
CA GLN C 150 5.72 -27.60 -4.65
C GLN C 150 6.50 -26.78 -3.63
N ILE C 151 6.51 -25.46 -3.81
CA ILE C 151 7.13 -24.58 -2.80
C ILE C 151 6.41 -24.75 -1.46
N ALA C 152 5.06 -24.76 -1.47
CA ALA C 152 4.29 -24.97 -0.26
C ALA C 152 4.61 -26.29 0.41
N ASP C 153 4.77 -27.36 -0.39
CA ASP C 153 5.10 -28.68 0.13
CA ASP C 153 5.10 -28.67 0.14
C ASP C 153 6.47 -28.67 0.81
N ILE C 154 7.46 -27.98 0.18
CA ILE C 154 8.79 -27.88 0.78
C ILE C 154 8.71 -27.12 2.11
N LEU C 155 7.94 -26.02 2.15
CA LEU C 155 7.80 -25.27 3.38
C LEU C 155 7.18 -26.15 4.47
N SER C 156 6.19 -26.95 4.07
CA SER C 156 5.45 -27.79 5.02
C SER C 156 6.36 -28.85 5.63
N THR C 157 7.28 -29.43 4.84
CA THR C 157 8.16 -30.48 5.31
C THR C 157 9.47 -29.98 5.88
N SER C 158 9.70 -28.66 5.87
CA SER C 158 10.77 -28.10 6.68
CA SER C 158 10.79 -28.12 6.66
C SER C 158 10.43 -28.35 8.14
N GLY C 159 11.43 -28.40 8.97
CA GLY C 159 11.22 -28.30 10.39
C GLY C 159 10.68 -26.92 10.74
N THR C 160 10.64 -26.65 12.00
CA THR C 160 10.07 -25.42 12.55
CA THR C 160 10.02 -25.41 12.47
C THR C 160 10.88 -24.21 12.09
N VAL C 161 12.20 -24.37 12.02
CA VAL C 161 13.12 -23.30 11.62
C VAL C 161 13.27 -23.29 10.09
N VAL C 162 12.83 -22.20 9.46
CA VAL C 162 12.76 -22.10 8.00
C VAL C 162 13.62 -20.91 7.60
N THR C 163 14.65 -21.14 6.78
CA THR C 163 15.42 -20.06 6.21
C THR C 163 15.03 -19.88 4.74
N ILE C 164 14.68 -18.64 4.39
CA ILE C 164 14.31 -18.33 3.00
C ILE C 164 15.35 -17.35 2.44
N THR C 165 15.81 -17.66 1.23
CA THR C 165 16.67 -16.76 0.49
C THR C 165 15.82 -16.03 -0.52
N ILE C 166 15.84 -14.69 -0.44
CA ILE C 166 14.95 -13.83 -1.21
C ILE C 166 15.76 -12.84 -2.05
N MET C 167 15.09 -12.36 -3.10
CA MET C 167 15.66 -11.36 -4.00
C MET C 167 14.57 -10.35 -4.35
N PRO C 168 14.87 -9.04 -4.38
CA PRO C 168 13.85 -8.09 -4.89
C PRO C 168 13.32 -8.53 -6.25
N ALA C 169 11.98 -8.49 -6.40
CA ALA C 169 11.33 -9.00 -7.59
C ALA C 169 11.82 -8.35 -8.89
N PHE C 170 12.10 -7.04 -8.89
CA PHE C 170 12.50 -6.38 -10.12
CA PHE C 170 12.51 -6.35 -10.10
C PHE C 170 13.85 -6.89 -10.59
N ILE C 171 14.75 -7.24 -9.64
CA ILE C 171 16.04 -7.82 -10.02
C ILE C 171 15.84 -9.23 -10.52
N PHE C 172 15.03 -10.03 -9.81
CA PHE C 172 14.72 -11.40 -10.21
C PHE C 172 14.18 -11.43 -11.65
N GLU C 173 13.23 -10.56 -11.94
CA GLU C 173 12.63 -10.49 -13.27
C GLU C 173 13.64 -10.14 -14.35
N HIS C 174 14.61 -9.31 -13.99
CA HIS C 174 15.68 -8.94 -14.90
C HIS C 174 16.59 -10.12 -15.17
N ILE C 175 16.97 -10.84 -14.10
CA ILE C 175 17.88 -11.95 -14.27
C ILE C 175 17.29 -13.03 -15.16
N ILE C 176 15.98 -13.27 -15.05
CA ILE C 176 15.43 -14.40 -15.78
C ILE C 176 15.06 -14.00 -17.22
N LYS C 177 15.24 -12.72 -17.61
CA LYS C 177 15.09 -12.36 -19.03
C LYS C 177 16.03 -13.14 -19.92
N ARG C 178 15.61 -13.33 -21.20
CA ARG C 178 16.41 -14.04 -22.21
C ARG C 178 16.42 -15.54 -21.90
N MET C 179 15.36 -16.01 -21.23
CA MET C 179 15.22 -17.41 -20.89
C MET C 179 13.73 -17.74 -20.92
N ALA C 180 13.33 -18.83 -21.59
CA ALA C 180 11.93 -19.25 -21.61
C ALA C 180 11.54 -19.86 -20.27
N PRO C 181 10.39 -19.50 -19.68
CA PRO C 181 9.96 -20.15 -18.43
C PRO C 181 9.92 -21.67 -18.47
N SER C 182 9.56 -22.28 -19.60
CA SER C 182 9.56 -23.73 -19.72
C SER C 182 10.96 -24.33 -19.59
N ILE C 183 11.97 -23.63 -20.13
CA ILE C 183 13.36 -24.05 -19.99
C ILE C 183 13.82 -23.91 -18.53
N MET C 184 13.48 -22.79 -17.90
CA MET C 184 13.88 -22.56 -16.52
C MET C 184 13.28 -23.63 -15.63
N LYS C 185 12.03 -24.01 -15.88
CA LYS C 185 11.34 -25.01 -15.09
C LYS C 185 11.95 -26.39 -15.29
N SER C 186 12.29 -26.76 -16.52
CA SER C 186 12.82 -28.09 -16.80
CA SER C 186 12.83 -28.09 -16.82
C SER C 186 14.28 -28.28 -16.35
N LEU C 187 15.14 -27.22 -16.41
CA LEU C 187 16.57 -27.46 -16.20
C LEU C 187 17.14 -26.95 -14.86
N MET C 188 16.41 -26.08 -14.14
CA MET C 188 17.00 -25.46 -12.94
C MET C 188 17.33 -26.52 -11.88
N ASP C 189 18.55 -26.45 -11.35
CA ASP C 189 19.01 -27.25 -10.24
C ASP C 189 18.13 -27.09 -9.00
N HIS C 190 17.66 -28.23 -8.47
CA HIS C 190 16.95 -28.29 -7.19
C HIS C 190 17.56 -29.34 -6.26
N THR C 191 18.84 -29.64 -6.48
CA THR C 191 19.64 -30.59 -5.72
C THR C 191 19.71 -30.19 -4.25
N ILE C 192 19.71 -31.21 -3.36
CA ILE C 192 20.13 -31.01 -1.99
C ILE C 192 21.54 -31.61 -1.88
N PRO C 193 22.61 -30.80 -1.81
CA PRO C 193 23.96 -31.33 -2.04
C PRO C 193 24.45 -32.19 -0.86
N GLU C 194 24.02 -31.80 0.35
CA GLU C 194 24.52 -32.38 1.59
C GLU C 194 23.45 -32.19 2.66
N VAL C 195 23.51 -33.06 3.66
CA VAL C 195 22.49 -33.10 4.72
C VAL C 195 23.16 -33.11 6.11
N ALA D 3 -26.77 -22.33 2.36
CA ALA D 3 -26.33 -22.75 1.01
C ALA D 3 -26.99 -24.08 0.58
N GLU D 4 -27.06 -25.11 1.46
CA GLU D 4 -27.44 -26.46 1.02
C GLU D 4 -28.90 -26.46 0.56
N ILE D 5 -29.21 -27.13 -0.57
CA ILE D 5 -30.54 -27.03 -1.16
C ILE D 5 -31.47 -27.96 -0.39
N LYS D 6 -32.55 -27.43 0.22
CA LYS D 6 -33.55 -28.24 0.93
C LYS D 6 -34.50 -28.91 -0.04
N GLN D 7 -34.81 -30.17 0.24
CA GLN D 7 -35.80 -30.94 -0.51
C GLN D 7 -37.21 -30.63 0.03
N GLY D 8 -38.20 -30.94 -0.80
CA GLY D 8 -39.57 -30.68 -0.46
C GLY D 8 -39.91 -29.19 -0.52
N ILE D 9 -40.93 -28.88 0.24
CA ILE D 9 -41.68 -27.65 0.09
C ILE D 9 -41.74 -27.04 1.49
N ARG D 10 -41.70 -25.72 1.59
CA ARG D 10 -41.94 -25.08 2.90
C ARG D 10 -42.88 -23.89 2.73
N GLU D 11 -43.53 -23.52 3.83
CA GLU D 11 -44.37 -22.33 3.86
C GLU D 11 -43.61 -21.17 4.51
N VAL D 12 -43.72 -19.97 3.91
CA VAL D 12 -43.18 -18.77 4.52
C VAL D 12 -44.33 -17.79 4.65
N ILE D 13 -44.25 -16.98 5.72
CA ILE D 13 -45.28 -15.99 6.00
C ILE D 13 -44.60 -14.63 6.10
N LEU D 14 -45.05 -13.69 5.25
CA LEU D 14 -44.48 -12.36 5.15
C LEU D 14 -45.53 -11.33 5.54
N CYS D 15 -45.03 -10.19 5.98
CA CYS D 15 -45.81 -8.98 6.19
CA CYS D 15 -45.84 -8.99 6.15
C CYS D 15 -45.19 -7.86 5.35
N LYS D 16 -46.02 -7.17 4.55
CA LYS D 16 -45.61 -6.00 3.79
C LYS D 16 -45.04 -4.95 4.72
N ASP D 17 -44.02 -4.27 4.24
CA ASP D 17 -43.29 -3.25 5.01
C ASP D 17 -44.13 -1.99 5.02
N GLN D 18 -43.56 -0.92 5.60
CA GLN D 18 -44.26 0.34 5.81
C GLN D 18 -44.54 1.03 4.47
N ASP D 19 -43.78 0.64 3.41
CA ASP D 19 -44.03 1.15 2.07
C ASP D 19 -44.94 0.23 1.25
N GLY D 20 -45.52 -0.81 1.89
CA GLY D 20 -46.43 -1.73 1.23
C GLY D 20 -45.70 -2.79 0.37
N LYS D 21 -44.38 -2.95 0.57
CA LYS D 21 -43.55 -3.80 -0.28
C LYS D 21 -43.18 -5.10 0.45
N ILE D 22 -42.93 -6.19 -0.32
CA ILE D 22 -42.23 -7.34 0.24
C ILE D 22 -40.81 -7.46 -0.27
N GLY D 23 -40.46 -6.85 -1.39
CA GLY D 23 -39.10 -6.74 -1.89
C GLY D 23 -38.67 -7.88 -2.80
N LEU D 24 -39.57 -8.27 -3.70
CA LEU D 24 -39.36 -9.35 -4.65
C LEU D 24 -39.63 -8.91 -6.07
N ARG D 25 -39.00 -9.63 -7.03
CA ARG D 25 -39.48 -9.65 -8.42
C ARG D 25 -39.59 -11.13 -8.77
N LEU D 26 -40.68 -11.47 -9.45
CA LEU D 26 -41.01 -12.83 -9.84
C LEU D 26 -41.01 -12.94 -11.34
N LYS D 27 -40.74 -14.18 -11.81
CA LYS D 27 -40.59 -14.45 -13.23
C LYS D 27 -41.19 -15.80 -13.60
N SER D 28 -42.01 -15.83 -14.67
CA SER D 28 -42.53 -17.07 -15.24
C SER D 28 -41.45 -17.82 -16.00
N ILE D 29 -41.26 -19.11 -15.61
CA ILE D 29 -40.31 -20.00 -16.27
C ILE D 29 -40.96 -21.37 -16.36
N ASP D 30 -41.12 -21.92 -17.58
CA ASP D 30 -41.56 -23.30 -17.76
C ASP D 30 -42.89 -23.55 -17.04
N ASN D 31 -43.77 -22.52 -17.02
CA ASN D 31 -45.09 -22.60 -16.41
C ASN D 31 -45.07 -22.72 -14.87
N GLY D 32 -43.93 -22.34 -14.26
CA GLY D 32 -43.85 -22.01 -12.86
C GLY D 32 -43.50 -20.55 -12.65
N ILE D 33 -43.39 -20.15 -11.39
CA ILE D 33 -43.02 -18.82 -10.95
C ILE D 33 -41.79 -18.91 -10.06
N PHE D 34 -40.78 -18.12 -10.41
CA PHE D 34 -39.48 -18.14 -9.74
C PHE D 34 -39.13 -16.72 -9.27
N VAL D 35 -38.31 -16.70 -8.22
CA VAL D 35 -37.77 -15.43 -7.70
C VAL D 35 -36.57 -15.03 -8.56
N GLN D 36 -36.68 -13.85 -9.23
CA GLN D 36 -35.58 -13.31 -10.01
C GLN D 36 -34.83 -12.20 -9.27
N LEU D 37 -35.41 -11.66 -8.24
CA LEU D 37 -34.75 -10.61 -7.44
C LEU D 37 -35.34 -10.62 -6.04
N VAL D 38 -34.43 -10.58 -5.02
CA VAL D 38 -34.81 -10.31 -3.64
C VAL D 38 -34.04 -9.05 -3.22
N GLN D 39 -34.73 -8.09 -2.61
CA GLN D 39 -34.03 -6.87 -2.15
C GLN D 39 -33.49 -7.05 -0.73
N ALA D 40 -32.33 -6.40 -0.47
CA ALA D 40 -31.78 -6.43 0.90
C ALA D 40 -32.71 -5.75 1.87
N ASN D 41 -32.76 -6.27 3.12
CA ASN D 41 -33.51 -5.77 4.28
CA ASN D 41 -33.47 -5.57 4.18
C ASN D 41 -34.97 -5.54 3.90
N SER D 42 -35.52 -6.56 3.23
CA SER D 42 -36.91 -6.55 2.83
C SER D 42 -37.63 -7.64 3.59
N PRO D 43 -38.97 -7.63 3.65
CA PRO D 43 -39.70 -8.75 4.23
C PRO D 43 -39.27 -10.11 3.65
N ALA D 44 -39.11 -10.13 2.31
CA ALA D 44 -38.69 -11.34 1.61
C ALA D 44 -37.30 -11.80 2.04
N SER D 45 -36.31 -10.89 2.10
CA SER D 45 -34.95 -11.29 2.46
C SER D 45 -34.95 -11.83 3.90
N LEU D 46 -35.69 -11.14 4.77
CA LEU D 46 -35.63 -11.48 6.19
C LEU D 46 -36.28 -12.81 6.51
N VAL D 47 -37.34 -13.23 5.78
CA VAL D 47 -37.93 -14.53 5.98
C VAL D 47 -37.12 -15.64 5.27
N GLY D 48 -36.11 -15.30 4.47
CA GLY D 48 -35.21 -16.28 3.90
C GLY D 48 -35.48 -16.67 2.45
N LEU D 49 -36.28 -15.86 1.75
CA LEU D 49 -36.45 -16.13 0.30
C LEU D 49 -35.16 -15.79 -0.42
N ARG D 50 -34.88 -16.55 -1.49
CA ARG D 50 -33.64 -16.43 -2.23
C ARG D 50 -33.98 -16.38 -3.73
N PHE D 51 -33.02 -15.79 -4.44
CA PHE D 51 -32.96 -15.88 -5.88
C PHE D 51 -33.08 -17.34 -6.28
N GLY D 52 -33.95 -17.64 -7.25
CA GLY D 52 -34.07 -18.98 -7.75
C GLY D 52 -35.19 -19.81 -7.10
N ASP D 53 -35.71 -19.38 -5.98
CA ASP D 53 -36.78 -20.10 -5.31
C ASP D 53 -38.01 -20.18 -6.24
N GLN D 54 -38.73 -21.30 -6.16
CA GLN D 54 -39.98 -21.49 -6.86
C GLN D 54 -41.15 -21.23 -5.94
N VAL D 55 -42.10 -20.40 -6.39
CA VAL D 55 -43.33 -20.08 -5.66
C VAL D 55 -44.44 -20.97 -6.21
N LEU D 56 -44.88 -21.95 -5.39
CA LEU D 56 -45.92 -22.89 -5.81
C LEU D 56 -47.31 -22.30 -5.58
N GLN D 57 -47.48 -21.61 -4.45
CA GLN D 57 -48.74 -20.99 -4.11
C GLN D 57 -48.48 -19.62 -3.47
N ILE D 58 -49.44 -18.73 -3.70
CA ILE D 58 -49.56 -17.47 -2.98
C ILE D 58 -50.94 -17.40 -2.33
N ASN D 59 -50.95 -17.28 -0.99
CA ASN D 59 -52.19 -17.32 -0.22
C ASN D 59 -53.08 -18.50 -0.64
N GLY D 60 -52.44 -19.67 -0.82
CA GLY D 60 -53.11 -20.91 -1.13
C GLY D 60 -53.54 -21.08 -2.58
N GLU D 61 -53.28 -20.11 -3.47
CA GLU D 61 -53.63 -20.19 -4.88
CA GLU D 61 -53.64 -20.24 -4.87
C GLU D 61 -52.42 -20.69 -5.69
N ASN D 62 -52.63 -21.68 -6.56
CA ASN D 62 -51.56 -22.22 -7.38
C ASN D 62 -51.04 -21.17 -8.38
N CYS D 63 -49.70 -21.04 -8.46
CA CYS D 63 -49.08 -20.12 -9.40
C CYS D 63 -48.85 -20.72 -10.79
N ALA D 64 -49.11 -22.02 -10.97
CA ALA D 64 -48.83 -22.72 -12.21
C ALA D 64 -49.46 -21.96 -13.39
N GLY D 65 -48.64 -21.69 -14.39
CA GLY D 65 -49.06 -21.07 -15.63
C GLY D 65 -49.27 -19.56 -15.54
N TRP D 66 -49.06 -18.96 -14.36
CA TRP D 66 -49.22 -17.52 -14.23
C TRP D 66 -48.13 -16.81 -15.00
N SER D 67 -48.49 -15.68 -15.64
CA SER D 67 -47.48 -14.80 -16.16
C SER D 67 -46.77 -14.07 -15.04
N SER D 68 -45.62 -13.46 -15.36
CA SER D 68 -44.93 -12.60 -14.44
C SER D 68 -45.80 -11.44 -13.95
N ASP D 69 -46.54 -10.85 -14.90
CA ASP D 69 -47.41 -9.73 -14.58
C ASP D 69 -48.53 -10.17 -13.65
N LYS D 70 -49.10 -11.35 -13.91
CA LYS D 70 -50.16 -11.87 -13.05
CA LYS D 70 -50.16 -11.86 -13.05
C LYS D 70 -49.65 -12.08 -11.63
N ALA D 71 -48.47 -12.70 -11.48
CA ALA D 71 -47.98 -12.92 -10.14
C ALA D 71 -47.78 -11.60 -9.39
N HIS D 72 -47.22 -10.59 -10.05
CA HIS D 72 -47.01 -9.29 -9.41
C HIS D 72 -48.35 -8.66 -9.02
N LYS D 73 -49.36 -8.77 -9.90
CA LYS D 73 -50.68 -8.20 -9.63
C LYS D 73 -51.28 -8.87 -8.39
N VAL D 74 -51.17 -10.20 -8.30
CA VAL D 74 -51.69 -10.90 -7.14
C VAL D 74 -51.01 -10.39 -5.87
N LEU D 75 -49.69 -10.26 -5.88
CA LEU D 75 -49.01 -9.77 -4.69
C LEU D 75 -49.36 -8.32 -4.38
N LYS D 76 -49.42 -7.47 -5.41
CA LYS D 76 -49.72 -6.06 -5.23
CA LYS D 76 -49.67 -6.07 -5.14
C LYS D 76 -51.08 -5.93 -4.55
N GLN D 77 -52.04 -6.73 -5.02
CA GLN D 77 -53.44 -6.61 -4.58
C GLN D 77 -53.75 -7.45 -3.36
N ALA D 78 -52.79 -8.23 -2.83
CA ALA D 78 -53.11 -9.20 -1.78
C ALA D 78 -53.84 -8.52 -0.60
N PHE D 79 -54.91 -9.14 -0.08
CA PHE D 79 -55.69 -8.51 0.97
C PHE D 79 -54.89 -8.62 2.27
N GLY D 80 -54.71 -7.50 2.96
CA GLY D 80 -54.31 -7.60 4.34
C GLY D 80 -52.79 -7.62 4.43
N GLU D 81 -52.33 -7.69 5.68
CA GLU D 81 -50.95 -7.40 6.02
C GLU D 81 -50.04 -8.56 5.63
N LYS D 82 -50.59 -9.80 5.73
CA LYS D 82 -49.92 -11.09 5.92
C LYS D 82 -50.10 -12.00 4.68
N ILE D 83 -48.97 -12.41 4.09
CA ILE D 83 -48.96 -13.11 2.82
C ILE D 83 -48.28 -14.45 3.06
N THR D 84 -48.92 -15.54 2.65
CA THR D 84 -48.35 -16.86 2.75
C THR D 84 -47.86 -17.26 1.36
N MET D 85 -46.66 -17.86 1.32
CA MET D 85 -46.18 -18.45 0.09
C MET D 85 -45.67 -19.84 0.38
N THR D 86 -45.91 -20.74 -0.57
CA THR D 86 -45.39 -22.10 -0.52
C THR D 86 -44.27 -22.17 -1.54
N ILE D 87 -43.10 -22.62 -1.09
CA ILE D 87 -41.83 -22.46 -1.79
C ILE D 87 -41.19 -23.82 -1.97
N ARG D 88 -40.55 -23.99 -3.13
CA ARG D 88 -39.57 -25.04 -3.33
CA ARG D 88 -39.58 -25.04 -3.36
C ARG D 88 -38.20 -24.37 -3.43
N ASP D 89 -37.24 -24.88 -2.63
CA ASP D 89 -35.95 -24.23 -2.51
C ASP D 89 -35.09 -24.39 -3.78
N ARG D 90 -34.78 -23.24 -4.40
CA ARG D 90 -33.79 -23.10 -5.47
C ARG D 90 -33.70 -24.37 -6.34
N PRO D 91 -34.78 -24.73 -7.07
CA PRO D 91 -34.80 -26.04 -7.73
C PRO D 91 -33.93 -26.20 -8.97
N PHE D 92 -33.52 -25.07 -9.59
CA PHE D 92 -32.61 -25.13 -10.71
C PHE D 92 -31.14 -25.11 -10.30
N GLU D 93 -30.86 -25.03 -9.00
CA GLU D 93 -29.50 -24.87 -8.53
C GLU D 93 -29.00 -26.10 -7.79
N ARG D 94 -27.67 -26.20 -7.73
CA ARG D 94 -27.04 -27.17 -6.86
CA ARG D 94 -27.00 -27.20 -6.92
C ARG D 94 -25.85 -26.55 -6.15
N THR D 95 -25.53 -27.12 -4.98
CA THR D 95 -24.40 -26.66 -4.20
CA THR D 95 -24.39 -26.67 -4.20
C THR D 95 -23.27 -27.68 -4.30
N ILE D 96 -22.06 -27.19 -4.55
CA ILE D 96 -20.86 -28.01 -4.61
C ILE D 96 -19.88 -27.48 -3.55
N THR D 97 -19.36 -28.39 -2.69
CA THR D 97 -18.44 -28.01 -1.62
C THR D 97 -17.03 -28.46 -2.03
N MET D 98 -16.14 -27.49 -2.01
CA MET D 98 -14.74 -27.68 -2.39
C MET D 98 -13.86 -27.24 -1.22
N HIS D 99 -12.59 -27.66 -1.30
CA HIS D 99 -11.61 -27.32 -0.28
C HIS D 99 -10.40 -26.69 -0.97
N LYS D 100 -9.98 -25.53 -0.48
CA LYS D 100 -8.82 -24.87 -1.06
C LYS D 100 -7.57 -25.74 -0.86
N ASP D 101 -6.72 -25.69 -1.87
CA ASP D 101 -5.44 -26.40 -1.82
C ASP D 101 -4.47 -25.59 -0.94
N SER D 102 -3.21 -26.09 -0.90
CA SER D 102 -2.16 -25.51 -0.09
C SER D 102 -1.83 -24.08 -0.50
N THR D 103 -2.17 -23.67 -1.70
CA THR D 103 -1.90 -22.31 -2.14
C THR D 103 -3.17 -21.49 -2.31
N GLY D 104 -4.27 -21.95 -1.70
CA GLY D 104 -5.50 -21.15 -1.60
C GLY D 104 -6.47 -21.29 -2.78
N HIS D 105 -6.28 -22.28 -3.67
CA HIS D 105 -7.08 -22.36 -4.88
C HIS D 105 -8.13 -23.49 -4.80
N VAL D 106 -9.34 -23.18 -5.31
CA VAL D 106 -10.43 -24.13 -5.44
C VAL D 106 -10.34 -24.93 -6.74
N GLY D 107 -9.95 -24.23 -7.83
CA GLY D 107 -9.69 -24.85 -9.12
C GLY D 107 -10.62 -24.47 -10.27
N PHE D 108 -10.96 -23.20 -10.45
CA PHE D 108 -11.74 -22.84 -11.63
C PHE D 108 -11.52 -21.39 -12.03
N ILE D 109 -11.84 -21.14 -13.29
CA ILE D 109 -11.82 -19.82 -13.86
C ILE D 109 -13.25 -19.41 -14.18
N PHE D 110 -13.56 -18.12 -14.02
CA PHE D 110 -14.88 -17.65 -14.36
C PHE D 110 -14.80 -16.26 -15.01
N LYS D 111 -15.84 -15.92 -15.71
CA LYS D 111 -15.96 -14.62 -16.36
C LYS D 111 -17.42 -14.19 -16.34
N ASN D 112 -17.69 -12.94 -15.89
CA ASN D 112 -19.06 -12.45 -15.80
C ASN D 112 -19.89 -13.38 -14.95
N GLY D 113 -19.27 -13.91 -13.89
CA GLY D 113 -19.94 -14.80 -12.94
C GLY D 113 -20.23 -16.20 -13.48
N LYS D 114 -19.78 -16.51 -14.69
CA LYS D 114 -19.98 -17.83 -15.27
C LYS D 114 -18.70 -18.64 -15.27
N ILE D 115 -18.76 -19.89 -14.76
CA ILE D 115 -17.59 -20.76 -14.72
C ILE D 115 -17.23 -21.21 -16.14
N THR D 116 -15.94 -21.02 -16.52
CA THR D 116 -15.53 -21.24 -17.89
C THR D 116 -14.48 -22.35 -18.03
N SER D 117 -13.73 -22.68 -16.99
CA SER D 117 -12.87 -23.85 -17.06
C SER D 117 -12.59 -24.35 -15.66
N ILE D 118 -12.26 -25.65 -15.61
CA ILE D 118 -11.95 -26.39 -14.41
C ILE D 118 -10.47 -26.73 -14.46
N VAL D 119 -9.78 -26.44 -13.38
CA VAL D 119 -8.34 -26.68 -13.32
C VAL D 119 -8.10 -28.16 -13.00
N LYS D 120 -7.15 -28.73 -13.75
CA LYS D 120 -6.77 -30.12 -13.59
C LYS D 120 -6.27 -30.41 -12.18
N ASP D 121 -6.72 -31.53 -11.61
CA ASP D 121 -6.25 -32.04 -10.34
C ASP D 121 -6.64 -31.16 -9.14
N SER D 122 -7.69 -30.35 -9.29
CA SER D 122 -8.13 -29.42 -8.25
C SER D 122 -9.31 -30.00 -7.46
N SER D 123 -9.69 -29.29 -6.39
CA SER D 123 -10.89 -29.67 -5.66
C SER D 123 -12.15 -29.52 -6.53
N ALA D 124 -12.16 -28.51 -7.38
CA ALA D 124 -13.27 -28.32 -8.34
C ALA D 124 -13.42 -29.55 -9.22
N ALA D 125 -12.29 -30.01 -9.76
CA ALA D 125 -12.30 -31.24 -10.58
C ALA D 125 -12.76 -32.46 -9.78
N ARG D 126 -12.25 -32.64 -8.55
CA ARG D 126 -12.60 -33.79 -7.74
C ARG D 126 -14.09 -33.84 -7.43
N ASN D 127 -14.68 -32.65 -7.24
CA ASN D 127 -16.07 -32.52 -6.82
C ASN D 127 -17.00 -32.33 -8.02
N GLY D 128 -16.49 -32.36 -9.27
CA GLY D 128 -17.33 -32.37 -10.44
C GLY D 128 -18.01 -31.02 -10.72
N LEU D 129 -17.35 -29.89 -10.39
CA LEU D 129 -17.83 -28.58 -10.80
C LEU D 129 -17.89 -28.50 -12.32
N LEU D 130 -18.93 -27.85 -12.83
CA LEU D 130 -19.24 -27.80 -14.24
C LEU D 130 -19.03 -26.37 -14.78
N THR D 131 -18.66 -26.30 -16.06
CA THR D 131 -18.63 -25.03 -16.79
C THR D 131 -19.98 -24.70 -17.36
N GLU D 132 -20.11 -23.50 -17.96
CA GLU D 132 -21.36 -23.06 -18.50
C GLU D 132 -22.43 -23.00 -17.39
N HIS D 133 -21.97 -22.65 -16.16
CA HIS D 133 -22.83 -22.53 -14.99
C HIS D 133 -22.55 -21.17 -14.37
N ASN D 134 -23.60 -20.45 -14.02
CA ASN D 134 -23.52 -19.19 -13.31
C ASN D 134 -23.37 -19.44 -11.82
N ILE D 135 -22.50 -18.63 -11.21
CA ILE D 135 -22.33 -18.64 -9.77
C ILE D 135 -23.42 -17.77 -9.17
N CYS D 136 -24.32 -18.39 -8.39
CA CYS D 136 -25.41 -17.72 -7.73
C CYS D 136 -25.04 -17.29 -6.31
N GLU D 137 -24.36 -18.19 -5.58
CA GLU D 137 -24.01 -17.95 -4.19
C GLU D 137 -22.61 -18.50 -3.93
N ILE D 138 -21.91 -17.85 -2.99
CA ILE D 138 -20.70 -18.39 -2.39
C ILE D 138 -20.87 -18.39 -0.88
N ASN D 139 -20.72 -19.57 -0.29
CA ASN D 139 -20.88 -19.78 1.14
C ASN D 139 -22.23 -19.18 1.59
N GLY D 140 -23.24 -19.40 0.75
CA GLY D 140 -24.61 -19.03 1.07
C GLY D 140 -24.95 -17.56 0.81
N GLN D 141 -24.00 -16.73 0.38
CA GLN D 141 -24.23 -15.33 0.11
C GLN D 141 -24.47 -15.17 -1.39
N ASN D 142 -25.60 -14.51 -1.75
CA ASN D 142 -25.90 -14.18 -3.13
C ASN D 142 -24.82 -13.24 -3.70
N VAL D 143 -24.27 -13.57 -4.87
CA VAL D 143 -23.23 -12.77 -5.54
C VAL D 143 -23.66 -12.31 -6.92
N ILE D 144 -24.95 -12.44 -7.23
CA ILE D 144 -25.43 -12.09 -8.56
C ILE D 144 -25.47 -10.59 -8.75
N GLY D 145 -24.81 -10.14 -9.83
CA GLY D 145 -24.76 -8.73 -10.10
C GLY D 145 -23.45 -8.12 -9.62
N LEU D 146 -22.68 -8.84 -8.80
CA LEU D 146 -21.38 -8.34 -8.34
C LEU D 146 -20.39 -8.40 -9.49
N LYS D 147 -19.37 -7.52 -9.42
CA LYS D 147 -18.27 -7.58 -10.38
C LYS D 147 -17.47 -8.87 -10.17
N ASP D 148 -16.78 -9.30 -11.23
CA ASP D 148 -15.86 -10.42 -11.09
C ASP D 148 -14.83 -10.17 -10.01
N SER D 149 -14.29 -8.95 -9.87
CA SER D 149 -13.30 -8.68 -8.86
C SER D 149 -13.84 -8.86 -7.46
N GLN D 150 -15.14 -8.55 -7.28
CA GLN D 150 -15.77 -8.70 -5.99
C GLN D 150 -15.99 -10.19 -5.66
N ILE D 151 -16.40 -10.94 -6.68
CA ILE D 151 -16.51 -12.40 -6.56
C ILE D 151 -15.16 -13.00 -6.19
N ALA D 152 -14.10 -12.59 -6.88
CA ALA D 152 -12.74 -13.06 -6.57
C ALA D 152 -12.36 -12.74 -5.14
N ASP D 153 -12.71 -11.53 -4.64
CA ASP D 153 -12.39 -11.13 -3.28
CA ASP D 153 -12.39 -11.14 -3.28
C ASP D 153 -13.10 -12.03 -2.28
N ILE D 154 -14.40 -12.37 -2.51
CA ILE D 154 -15.13 -13.26 -1.63
C ILE D 154 -14.46 -14.63 -1.62
N LEU D 155 -14.08 -15.14 -2.81
CA LEU D 155 -13.42 -16.44 -2.84
C LEU D 155 -12.08 -16.40 -2.09
N SER D 156 -11.33 -15.31 -2.29
CA SER D 156 -9.98 -15.18 -1.73
CA SER D 156 -9.99 -15.15 -1.74
CA SER D 156 -9.99 -15.15 -1.74
C SER D 156 -10.04 -15.15 -0.21
N THR D 157 -11.04 -14.45 0.36
CA THR D 157 -11.13 -14.31 1.80
C THR D 157 -11.89 -15.42 2.47
N SER D 158 -12.50 -16.34 1.71
CA SER D 158 -13.11 -17.49 2.31
C SER D 158 -12.08 -18.31 3.05
N GLY D 159 -12.53 -19.00 4.05
CA GLY D 159 -11.75 -20.10 4.61
C GLY D 159 -11.61 -21.22 3.60
N THR D 160 -10.99 -22.31 4.08
CA THR D 160 -10.61 -23.43 3.23
C THR D 160 -11.85 -24.07 2.59
N VAL D 161 -12.96 -24.16 3.32
CA VAL D 161 -14.19 -24.77 2.78
C VAL D 161 -14.97 -23.71 1.99
N VAL D 162 -15.17 -23.95 0.70
CA VAL D 162 -15.84 -23.05 -0.20
C VAL D 162 -17.03 -23.80 -0.78
N THR D 163 -18.24 -23.35 -0.44
CA THR D 163 -19.44 -23.89 -1.04
CA THR D 163 -19.44 -23.90 -1.05
C THR D 163 -19.92 -22.92 -2.12
N ILE D 164 -20.15 -23.44 -3.32
CA ILE D 164 -20.67 -22.60 -4.41
CA ILE D 164 -20.68 -22.58 -4.38
C ILE D 164 -22.01 -23.17 -4.87
N THR D 165 -22.98 -22.27 -5.04
CA THR D 165 -24.29 -22.62 -5.54
C THR D 165 -24.34 -22.15 -7.00
N ILE D 166 -24.61 -23.11 -7.90
CA ILE D 166 -24.53 -22.88 -9.34
C ILE D 166 -25.86 -23.20 -10.04
N MET D 167 -26.00 -22.62 -11.22
CA MET D 167 -27.20 -22.76 -12.05
C MET D 167 -26.75 -22.88 -13.49
N PRO D 168 -27.29 -23.84 -14.27
CA PRO D 168 -26.98 -23.85 -15.71
C PRO D 168 -27.22 -22.49 -16.35
N ALA D 169 -26.24 -22.03 -17.14
CA ALA D 169 -26.28 -20.69 -17.69
C ALA D 169 -27.54 -20.39 -18.51
N PHE D 170 -28.05 -21.37 -19.28
CA PHE D 170 -29.24 -21.12 -20.11
CA PHE D 170 -29.22 -21.08 -20.10
C PHE D 170 -30.44 -20.79 -19.24
N ILE D 171 -30.54 -21.45 -18.05
CA ILE D 171 -31.63 -21.20 -17.16
C ILE D 171 -31.44 -19.83 -16.49
N PHE D 172 -30.21 -19.55 -16.04
CA PHE D 172 -29.89 -18.27 -15.40
C PHE D 172 -30.25 -17.11 -16.34
N GLU D 173 -29.84 -17.22 -17.62
CA GLU D 173 -30.13 -16.15 -18.58
C GLU D 173 -31.64 -15.93 -18.74
N HIS D 174 -32.42 -17.01 -18.64
CA HIS D 174 -33.85 -16.97 -18.73
C HIS D 174 -34.48 -16.27 -17.55
N ILE D 175 -34.02 -16.63 -16.34
CA ILE D 175 -34.58 -16.07 -15.13
C ILE D 175 -34.38 -14.56 -15.03
N ILE D 176 -33.26 -14.08 -15.54
CA ILE D 176 -32.97 -12.66 -15.36
C ILE D 176 -33.59 -11.81 -16.50
N LYS D 177 -34.32 -12.44 -17.44
CA LYS D 177 -35.08 -11.64 -18.42
C LYS D 177 -36.13 -10.79 -17.77
N ARG D 178 -36.45 -9.66 -18.44
CA ARG D 178 -37.49 -8.72 -18.01
C ARG D 178 -36.97 -7.93 -16.82
N MET D 179 -35.66 -7.76 -16.74
CA MET D 179 -35.04 -6.98 -15.69
C MET D 179 -33.83 -6.30 -16.31
N ALA D 180 -33.65 -4.98 -16.09
CA ALA D 180 -32.47 -4.30 -16.62
C ALA D 180 -31.24 -4.68 -15.79
N PRO D 181 -30.09 -5.02 -16.41
CA PRO D 181 -28.87 -5.26 -15.64
C PRO D 181 -28.52 -4.25 -14.57
N SER D 182 -28.73 -2.95 -14.86
CA SER D 182 -28.41 -1.92 -13.89
C SER D 182 -29.29 -2.01 -12.65
N ILE D 183 -30.58 -2.36 -12.87
CA ILE D 183 -31.51 -2.53 -11.76
C ILE D 183 -31.14 -3.78 -10.97
N MET D 184 -30.84 -4.89 -11.65
CA MET D 184 -30.48 -6.12 -10.96
C MET D 184 -29.26 -5.88 -10.09
N LYS D 185 -28.27 -5.16 -10.62
CA LYS D 185 -27.04 -4.90 -9.91
C LYS D 185 -27.23 -3.99 -8.71
N SER D 186 -28.06 -2.95 -8.84
CA SER D 186 -28.30 -2.04 -7.73
C SER D 186 -29.15 -2.64 -6.61
N LEU D 187 -30.09 -3.56 -6.93
CA LEU D 187 -31.09 -3.98 -5.96
C LEU D 187 -30.91 -5.41 -5.37
N MET D 188 -30.12 -6.25 -6.01
CA MET D 188 -30.02 -7.66 -5.56
C MET D 188 -29.41 -7.75 -4.17
N ASP D 189 -30.09 -8.50 -3.29
CA ASP D 189 -29.62 -8.82 -1.96
C ASP D 189 -28.27 -9.52 -1.97
N HIS D 190 -27.31 -8.98 -1.19
CA HIS D 190 -26.04 -9.64 -0.93
C HIS D 190 -25.77 -9.79 0.58
N THR D 191 -26.83 -9.69 1.36
N THR D 191 -26.83 -10.03 1.36
CA THR D 191 -26.77 -9.78 2.81
CA THR D 191 -26.73 -10.36 2.78
C THR D 191 -26.10 -11.08 3.25
C THR D 191 -25.89 -11.63 3.04
N ILE D 192 -25.32 -10.96 4.32
N ILE D 192 -25.03 -11.62 4.08
CA ILE D 192 -24.83 -12.08 5.09
CA ILE D 192 -24.36 -12.85 4.51
C ILE D 192 -25.70 -12.14 6.33
C ILE D 192 -25.29 -13.59 5.50
N PRO D 193 -26.69 -13.07 6.46
N PRO D 193 -25.80 -14.79 5.18
CA PRO D 193 -27.69 -12.97 7.52
CA PRO D 193 -26.89 -15.38 5.96
C PRO D 193 -27.11 -13.13 8.93
C PRO D 193 -26.45 -15.89 7.32
N GLU D 194 -26.19 -14.08 9.04
N GLU D 194 -25.23 -16.41 7.38
CA GLU D 194 -25.55 -14.44 10.29
CA GLU D 194 -24.71 -16.86 8.67
C GLU D 194 -24.12 -14.87 9.95
C GLU D 194 -23.24 -16.47 8.80
N VAL D 195 -23.25 -14.80 10.98
N VAL D 195 -22.97 -15.82 9.95
CA VAL D 195 -21.85 -15.16 10.84
CA VAL D 195 -21.64 -15.48 10.40
C VAL D 195 -21.45 -16.22 11.91
C VAL D 195 -21.32 -16.30 11.67
C1 EDO E . 10.78 -2.11 -5.04
O1 EDO E . 9.67 -1.72 -4.26
C2 EDO E . 11.80 -1.03 -5.14
O2 EDO E . 12.13 -0.41 -3.93
C1 EDO F . 9.78 12.10 3.98
O1 EDO F . 10.94 12.83 4.42
C2 EDO F . 8.70 13.01 3.47
O2 EDO F . 8.58 14.15 4.35
S SO4 G . 42.10 -4.98 -6.26
O1 SO4 G . 43.27 -4.95 -5.42
O2 SO4 G . 42.26 -4.03 -7.29
O3 SO4 G . 41.96 -6.29 -6.88
O4 SO4 G . 40.91 -4.71 -5.48
C1 EDO H . -5.39 44.58 2.56
O1 EDO H . -5.04 43.27 2.96
C2 EDO H . -4.32 45.62 2.80
O2 EDO H . -2.99 45.19 2.35
C1 EDO I . -12.37 24.17 9.89
O1 EDO I . -13.73 24.21 9.62
C2 EDO I . -11.95 24.47 11.28
O2 EDO I . -12.40 25.68 11.76
C1 GOL J . 2.83 21.16 2.59
O1 GOL J . 3.92 21.80 3.23
C2 GOL J . 1.70 22.06 2.27
O2 GOL J . 2.13 22.94 1.22
C3 GOL J . 0.43 21.35 1.89
O3 GOL J . 0.43 20.88 0.53
S SO4 K . -29.90 39.31 20.40
O1 SO4 K . -28.53 38.87 20.25
O2 SO4 K . -30.58 39.33 19.24
O3 SO4 K . -29.93 40.64 20.97
O4 SO4 K . -30.56 38.39 21.31
N DGL L . 5.01 39.74 -2.96
CA DGL L . 3.69 39.10 -3.21
C DGL L . 3.63 37.80 -2.38
O DGL L . 4.73 37.34 -2.06
CB DGL L . 2.59 40.12 -2.93
CG DGL L . 2.73 40.79 -1.57
CD DGL L . 1.49 41.59 -1.22
OE1 DGL L . 1.62 42.59 -0.51
OE2 DGL L . 0.40 41.16 -1.65
OXT DGL L . 2.48 37.27 -2.17
O1 MES M . -28.56 36.37 1.20
C2 MES M . -29.24 35.35 1.91
C3 MES M . -29.02 33.96 1.32
N4 MES M . -29.30 33.91 -0.15
C5 MES M . -28.52 35.00 -0.83
C6 MES M . -28.83 36.34 -0.20
C7 MES M . -28.99 32.57 -0.75
C8 MES M . -29.61 32.47 -2.13
S MES M . -29.19 30.99 -3.02
O1S MES M . -30.14 31.01 -4.16
O2S MES M . -27.79 31.05 -3.40
O3S MES M . -29.46 29.97 -2.08
C1 EDO N . 21.62 -25.80 -4.44
O1 EDO N . 21.29 -24.72 -3.55
C2 EDO N . 20.54 -26.17 -5.44
O2 EDO N . 19.34 -26.51 -4.84
C1 EDO O . 17.35 -4.53 -12.15
O1 EDO O . 18.17 -5.68 -12.24
C2 EDO O . 18.19 -3.30 -12.36
O2 EDO O . 19.00 -3.26 -13.55
C1 EDO P . 25.53 -15.66 -28.37
O1 EDO P . 24.82 -16.23 -27.26
C2 EDO P . 27.05 -15.54 -28.31
O2 EDO P . 27.67 -16.06 -27.17
N GLY Q . 11.22 -16.58 18.16
CA GLY Q . 11.42 -16.97 16.75
C GLY Q . 10.97 -15.89 15.78
O GLY Q . 11.85 -15.12 15.34
OXT GLY Q . 9.77 -15.89 15.47
N GLY R . 20.83 -7.05 -22.06
CA GLY R . 21.80 -7.50 -23.08
C GLY R . 22.50 -8.78 -22.62
O GLY R . 23.70 -8.96 -23.00
OXT GLY R . 21.84 -9.56 -21.87
N GLY S . 2.79 -19.95 3.35
CA GLY S . 2.10 -20.24 4.62
C GLY S . 2.94 -19.88 5.84
O GLY S . 3.80 -20.72 6.22
OXT GLY S . 2.66 -18.76 6.41
C1 EDO T . -28.80 -14.65 1.23
O1 EDO T . -28.43 -15.88 0.59
C2 EDO T . -28.54 -13.46 0.42
O2 EDO T . -27.17 -13.15 0.23
C1 EDO U . -35.80 -23.24 -20.30
O1 EDO U . -37.07 -22.55 -20.41
C2 EDO U . -34.64 -22.39 -19.73
O2 EDO U . -35.05 -21.64 -18.64
C1 GOL V . -29.38 -27.94 -12.13
O1 GOL V . -28.67 -29.17 -12.07
C2 GOL V . -30.42 -27.95 -13.23
O2 GOL V . -31.36 -26.97 -12.88
C3 GOL V . -31.14 -29.28 -13.55
O3 GOL V . -32.55 -29.22 -13.28
S SO4 W . -11.56 -31.97 -2.12
O1 SO4 W . -11.75 -33.32 -2.66
O2 SO4 W . -10.80 -31.18 -3.04
O3 SO4 W . -12.87 -31.38 -1.89
O4 SO4 W . -10.86 -32.07 -0.83
N GLY X . -45.50 -19.35 -20.21
CA GLY X . -46.70 -19.26 -19.35
C GLY X . -47.01 -17.84 -18.91
O GLY X . -46.07 -16.97 -18.89
OXT GLY X . -48.19 -17.62 -18.59
N DGL Y . -44.97 -14.64 -20.64
CA DGL Y . -43.62 -14.13 -20.25
C DGL Y . -43.59 -13.89 -18.73
O DGL Y . -42.43 -13.77 -18.18
CB DGL Y . -42.49 -15.08 -20.67
CG DGL Y . -42.64 -16.49 -20.12
CD DGL Y . -41.44 -17.36 -20.47
OE1 DGL Y . -40.29 -16.88 -20.31
OE2 DGL Y . -41.67 -18.49 -20.96
OXT DGL Y . -44.74 -13.73 -18.20
N ALA Z . -9.12 -19.09 -9.50
CA ALA Z . -9.79 -19.14 -8.18
C ALA Z . -9.56 -20.49 -7.50
O ALA Z . -9.39 -21.50 -8.33
CB ALA Z . -11.29 -18.87 -8.34
OXT ALA Z . -9.75 -20.47 -6.18
#